data_2PU2
#
_entry.id   2PU2
#
_cell.length_a   118.721
_cell.length_b   76.842
_cell.length_c   97.495
_cell.angle_alpha   90.00
_cell.angle_beta   115.80
_cell.angle_gamma   90.00
#
_symmetry.space_group_name_H-M   'C 1 2 1'
#
loop_
_entity.id
_entity.type
_entity.pdbx_description
1 polymer Beta-lactamase
2 non-polymer 'PHOSPHATE ION'
3 non-polymer '2-[(1R)-1-CARBOXY-2-(4-HYDROXYPHENYL)ETHYL]-1,3-DIOXOISOINDOLINE-5-CARBOXYLIC ACID'
4 water water
#
_entity_poly.entity_id   1
_entity_poly.type   'polypeptide(L)'
_entity_poly.pdbx_seq_one_letter_code
;APQQINDIVHRTITPLIEQQKIPGMAVAVIYQGKPYYFTWGYADIAKKQPVTQQTLFELGSVSKTFTGVLGGDAIARGEI
KLSDPTTKYWPELTAKQWNGITLLHLATYTAGGLPLQVPDEVKSSSDLLRFYQNWQPAWAPGTQRLYANSSIGLFGALAV
KPSGLSFEQAMQTRVFQPLKLNHTWINVPPAEEKNYAWGYREGKAVHVSPGALDAEAYGVKSTIEDMARWVQSNLKPLDI
NEKTLQQGIQLAQSRYWQTGDMYQGLGWEMLDWPVNPDSIINGSDNKIALAARPVKAITPPTPAVRASWVHKTGATGGFG
SYVAFIPEKELGIVMLANKNYPNPARVDAAWQILNALQ
;
_entity_poly.pdbx_strand_id   A,B
#
loop_
_chem_comp.id
_chem_comp.type
_chem_comp.name
_chem_comp.formula
DK2 non-polymer '2-[(1R)-1-CARBOXY-2-(4-HYDROXYPHENYL)ETHYL]-1,3-DIOXOISOINDOLINE-5-CARBOXYLIC ACID' 'C18 H13 N O7'
PO4 non-polymer 'PHOSPHATE ION' 'O4 P -3'
#
# COMPACT_ATOMS: atom_id res chain seq x y z
N ALA A 1 -21.61 27.17 -15.34
CA ALA A 1 -21.58 26.30 -14.15
C ALA A 1 -22.93 26.37 -13.43
N PRO A 2 -23.24 25.34 -12.61
CA PRO A 2 -24.34 25.49 -11.66
C PRO A 2 -24.20 26.81 -10.92
N GLN A 3 -25.30 27.51 -10.72
CA GLN A 3 -25.22 28.82 -10.07
C GLN A 3 -24.57 28.80 -8.69
N GLN A 4 -24.75 27.71 -7.93
CA GLN A 4 -24.11 27.60 -6.62
C GLN A 4 -22.59 27.72 -6.70
N ILE A 5 -22.00 27.03 -7.67
CA ILE A 5 -20.56 27.02 -7.85
C ILE A 5 -20.11 28.40 -8.32
N ASN A 6 -20.79 28.94 -9.34
CA ASN A 6 -20.52 30.30 -9.81
C ASN A 6 -20.45 31.32 -8.64
N ASP A 7 -21.51 31.35 -7.84
CA ASP A 7 -21.63 32.37 -6.79
C ASP A 7 -20.56 32.22 -5.74
N ILE A 8 -20.37 31.02 -5.20
CA ILE A 8 -19.33 30.82 -4.15
C ILE A 8 -17.93 31.14 -4.67
N VAL A 9 -17.62 30.67 -5.87
CA VAL A 9 -16.32 30.97 -6.48
C VAL A 9 -16.12 32.48 -6.62
N HIS A 10 -17.01 33.15 -7.37
CA HIS A 10 -16.85 34.60 -7.58
C HIS A 10 -16.89 35.43 -6.31
N ARG A 11 -17.84 35.15 -5.42
CA ARG A 11 -17.92 35.84 -4.12
C ARG A 11 -16.69 35.64 -3.21
N THR A 12 -15.99 34.52 -3.38
CA THR A 12 -14.74 34.26 -2.64
C THR A 12 -13.52 34.84 -3.38
N ILE A 13 -13.42 34.57 -4.67
CA ILE A 13 -12.20 34.93 -5.39
C ILE A 13 -12.08 36.43 -5.70
N THR A 14 -13.17 37.08 -6.08
CA THR A 14 -13.14 38.50 -6.40
C THR A 14 -12.52 39.36 -5.31
N PRO A 15 -12.99 39.22 -4.04
CA PRO A 15 -12.36 39.90 -2.92
C PRO A 15 -10.87 39.57 -2.70
N LEU A 16 -10.54 38.29 -2.85
CA LEU A 16 -9.15 37.82 -2.76
C LEU A 16 -8.23 38.55 -3.75
N ILE A 17 -8.63 38.58 -5.01
CA ILE A 17 -7.85 39.25 -6.06
C ILE A 17 -7.62 40.71 -5.68
N GLU A 18 -8.67 41.37 -5.19
CA GLU A 18 -8.61 42.78 -4.83
C GLU A 18 -7.70 43.00 -3.64
N GLN A 19 -7.91 42.23 -2.59
CA GLN A 19 -7.15 42.34 -1.35
C GLN A 19 -5.66 42.06 -1.57
N GLN A 20 -5.34 41.07 -2.41
CA GLN A 20 -3.95 40.63 -2.60
C GLN A 20 -3.27 41.27 -3.82
N LYS A 21 -4.04 42.02 -4.60
CA LYS A 21 -3.57 42.70 -5.81
C LYS A 21 -2.98 41.68 -6.80
N ILE A 22 -3.74 40.61 -7.05
CA ILE A 22 -3.31 39.52 -7.93
C ILE A 22 -3.60 39.90 -9.40
N PRO A 23 -2.55 39.91 -10.24
CA PRO A 23 -2.78 40.30 -11.63
C PRO A 23 -3.69 39.40 -12.42
N GLY A 24 -3.50 38.08 -12.27
CA GLY A 24 -4.24 37.10 -12.99
C GLY A 24 -4.44 35.85 -12.15
N MET A 25 -5.56 35.18 -12.38
CA MET A 25 -5.88 33.99 -11.63
C MET A 25 -6.75 33.05 -12.44
N ALA A 26 -6.52 31.75 -12.25
CA ALA A 26 -7.39 30.71 -12.77
C ALA A 26 -7.81 29.79 -11.64
N VAL A 27 -9.07 29.38 -11.64
CA VAL A 27 -9.59 28.46 -10.64
C VAL A 27 -10.34 27.36 -11.35
N ALA A 28 -10.17 26.12 -10.88
CA ALA A 28 -11.00 25.02 -11.28
C ALA A 28 -11.63 24.44 -10.03
N VAL A 29 -12.95 24.23 -10.10
CA VAL A 29 -13.65 23.45 -9.11
C VAL A 29 -14.05 22.13 -9.72
N ILE A 30 -13.72 21.03 -9.04
CA ILE A 30 -14.17 19.71 -9.40
C ILE A 30 -15.30 19.37 -8.46
N TYR A 31 -16.48 19.18 -9.04
CA TYR A 31 -17.72 19.00 -8.27
C TYR A 31 -18.40 17.79 -8.82
N GLN A 32 -18.59 16.78 -7.97
CA GLN A 32 -19.12 15.49 -8.42
C GLN A 32 -18.35 14.97 -9.65
N GLY A 33 -17.01 15.10 -9.60
CA GLY A 33 -16.18 14.56 -10.66
C GLY A 33 -15.95 15.43 -11.88
N LYS A 34 -16.76 16.48 -12.06
CA LYS A 34 -16.75 17.32 -13.28
C LYS A 34 -16.07 18.64 -12.99
N PRO A 35 -15.23 19.12 -13.92
CA PRO A 35 -14.55 20.40 -13.73
C PRO A 35 -15.33 21.62 -14.20
N TYR A 36 -15.19 22.70 -13.44
CA TYR A 36 -15.71 24.00 -13.82
C TYR A 36 -14.61 25.02 -13.67
N TYR A 37 -14.45 25.86 -14.69
CA TYR A 37 -13.33 26.76 -14.79
C TYR A 37 -13.72 28.21 -14.66
N PHE A 38 -12.81 28.98 -14.06
CA PHE A 38 -12.95 30.41 -13.88
C PHE A 38 -11.62 31.12 -14.08
N THR A 39 -11.65 32.26 -14.76
CA THR A 39 -10.43 33.05 -14.91
C THR A 39 -10.66 34.55 -14.75
N TRP A 40 -9.61 35.25 -14.32
CA TRP A 40 -9.61 36.68 -14.11
C TRP A 40 -8.29 37.30 -14.51
N GLY A 41 -8.36 38.53 -15.03
CA GLY A 41 -7.18 39.38 -15.10
C GLY A 41 -6.18 38.93 -16.14
N TYR A 42 -4.92 39.24 -15.90
CA TYR A 42 -3.89 39.20 -16.91
C TYR A 42 -2.77 38.19 -16.67
N ALA A 43 -2.49 37.39 -17.70
CA ALA A 43 -1.29 36.56 -17.81
C ALA A 43 -0.05 37.42 -18.08
N ASP A 44 -0.24 38.49 -18.87
CA ASP A 44 0.83 39.45 -19.21
C ASP A 44 0.25 40.87 -19.23
N ILE A 45 0.59 41.65 -18.21
CA ILE A 45 0.04 43.00 -18.04
C ILE A 45 0.43 43.90 -19.23
N ALA A 46 1.73 43.93 -19.51
CA ALA A 46 2.32 44.78 -20.54
C ALA A 46 1.73 44.54 -21.92
N LYS A 47 1.54 43.27 -22.27
CA LYS A 47 0.95 42.89 -23.55
C LYS A 47 -0.57 42.68 -23.52
N LYS A 48 -1.20 42.99 -22.38
CA LYS A 48 -2.66 42.88 -22.23
C LYS A 48 -3.22 41.51 -22.53
N GLN A 49 -2.45 40.46 -22.21
CA GLN A 49 -2.89 39.11 -22.49
C GLN A 49 -3.65 38.60 -21.28
N PRO A 50 -4.91 38.20 -21.50
CA PRO A 50 -5.73 37.77 -20.38
C PRO A 50 -5.36 36.36 -19.96
N VAL A 51 -5.73 36.01 -18.73
CA VAL A 51 -5.67 34.63 -18.28
C VAL A 51 -6.82 33.87 -18.96
N THR A 52 -6.49 32.76 -19.59
CA THR A 52 -7.46 31.85 -20.18
C THR A 52 -7.29 30.45 -19.58
N GLN A 53 -8.09 29.49 -20.04
CA GLN A 53 -7.98 28.08 -19.63
C GLN A 53 -6.73 27.38 -20.18
N GLN A 54 -6.05 28.05 -21.12
CA GLN A 54 -4.83 27.54 -21.73
C GLN A 54 -3.55 28.22 -21.19
N THR A 55 -3.69 29.15 -20.26
CA THR A 55 -2.57 29.88 -19.72
C THR A 55 -1.74 28.94 -18.83
N LEU A 56 -0.43 28.93 -19.03
CA LEU A 56 0.48 28.21 -18.12
C LEU A 56 0.91 29.08 -16.95
N PHE A 57 0.84 28.48 -15.76
CA PHE A 57 1.32 29.04 -14.53
C PHE A 57 2.46 28.17 -13.98
N GLU A 58 3.41 28.81 -13.31
CA GLU A 58 4.43 28.09 -12.53
C GLU A 58 3.76 27.52 -11.29
N LEU A 59 3.78 26.20 -11.17
CA LEU A 59 3.23 25.49 -10.01
C LEU A 59 4.08 25.60 -8.75
N GLY A 60 5.36 25.92 -8.90
CA GLY A 60 6.28 25.90 -7.77
C GLY A 60 6.22 24.53 -7.09
N SER A 61 6.16 24.51 -5.75
CA SER A 61 6.18 23.23 -5.01
C SER A 61 4.95 22.32 -5.13
N VAL A 62 3.88 22.78 -5.78
CA VAL A 62 2.86 21.81 -6.21
C VAL A 62 3.47 20.74 -7.16
N SER A 63 4.58 21.07 -7.81
CA SER A 63 5.35 20.08 -8.57
C SER A 63 5.73 18.86 -7.73
N LYS A 64 5.91 19.03 -6.43
CA LYS A 64 6.26 17.89 -5.56
C LYS A 64 5.22 16.78 -5.54
N THR A 65 3.96 17.12 -5.82
CA THR A 65 2.91 16.10 -5.99
C THR A 65 3.14 15.18 -7.22
N PHE A 66 3.61 15.77 -8.31
CA PHE A 66 4.01 15.01 -9.47
C PHE A 66 5.22 14.13 -9.18
N THR A 67 6.20 14.67 -8.47
CA THR A 67 7.44 13.95 -8.11
C THR A 67 7.10 12.78 -7.20
N GLY A 68 6.20 13.00 -6.26
CA GLY A 68 5.77 11.94 -5.36
C GLY A 68 5.03 10.80 -6.05
N VAL A 69 4.14 11.13 -7.00
CA VAL A 69 3.42 10.14 -7.80
C VAL A 69 4.37 9.38 -8.74
N LEU A 70 5.31 10.10 -9.37
CA LEU A 70 6.33 9.47 -10.20
C LEU A 70 7.18 8.49 -9.37
N GLY A 71 7.56 8.87 -8.15
CA GLY A 71 8.24 7.95 -7.23
C GLY A 71 7.38 6.74 -6.89
N GLY A 72 6.09 6.98 -6.59
CA GLY A 72 5.13 5.90 -6.35
C GLY A 72 5.08 4.92 -7.50
N ASP A 73 5.08 5.46 -8.71
CA ASP A 73 5.00 4.66 -9.92
C ASP A 73 6.26 3.79 -10.09
N ALA A 74 7.42 4.33 -9.71
CA ALA A 74 8.70 3.56 -9.70
C ALA A 74 8.67 2.41 -8.70
N ILE A 75 8.05 2.65 -7.54
CA ILE A 75 7.88 1.62 -6.51
C ILE A 75 7.00 0.51 -7.08
N ALA A 76 5.86 0.89 -7.64
CA ALA A 76 4.91 -0.08 -8.23
C ALA A 76 5.58 -0.84 -9.37
N ARG A 77 6.47 -0.20 -10.11
CA ARG A 77 7.22 -0.87 -11.17
C ARG A 77 8.27 -1.87 -10.65
N GLY A 78 8.54 -1.86 -9.35
CA GLY A 78 9.58 -2.68 -8.75
C GLY A 78 11.00 -2.16 -8.95
N GLU A 79 11.13 -0.90 -9.37
CA GLU A 79 12.41 -0.31 -9.69
C GLU A 79 13.13 0.23 -8.46
N ILE A 80 12.37 0.71 -7.49
CA ILE A 80 12.91 1.22 -6.23
C ILE A 80 12.05 0.72 -5.06
N LYS A 81 12.58 0.85 -3.86
CA LYS A 81 11.80 0.64 -2.63
C LYS A 81 12.06 1.82 -1.72
N LEU A 82 11.03 2.28 -1.00
CA LEU A 82 11.18 3.38 -0.04
C LEU A 82 12.09 3.01 1.14
N SER A 83 12.18 1.71 1.42
CA SER A 83 13.03 1.16 2.46
C SER A 83 14.51 1.05 2.03
N ASP A 84 14.80 1.29 0.75
CA ASP A 84 16.19 1.25 0.25
C ASP A 84 17.03 2.39 0.84
N PRO A 85 18.28 2.09 1.22
CA PRO A 85 19.22 3.17 1.54
C PRO A 85 19.48 4.07 0.35
N THR A 86 19.67 5.35 0.62
CA THR A 86 19.96 6.34 -0.43
C THR A 86 21.19 5.92 -1.23
N THR A 87 22.19 5.39 -0.52
CA THR A 87 23.45 5.00 -1.13
C THR A 87 23.28 3.86 -2.15
N LYS A 88 22.21 3.08 -2.03
CA LYS A 88 21.93 2.05 -3.04
C LYS A 88 21.86 2.65 -4.44
N TYR A 89 21.29 3.85 -4.57
CA TYR A 89 21.12 4.51 -5.87
C TYR A 89 22.12 5.60 -6.12
N TRP A 90 22.92 5.92 -5.11
CA TRP A 90 24.03 6.83 -5.27
C TRP A 90 25.23 6.36 -4.44
N PRO A 91 25.95 5.33 -4.95
CA PRO A 91 27.05 4.71 -4.21
C PRO A 91 28.19 5.68 -3.86
N GLU A 92 28.31 6.77 -4.63
CA GLU A 92 29.33 7.79 -4.43
C GLU A 92 29.08 8.62 -3.17
N LEU A 93 27.87 8.48 -2.60
CA LEU A 93 27.52 9.15 -1.38
C LEU A 93 28.04 8.32 -0.19
N THR A 94 29.34 8.47 0.10
CA THR A 94 30.04 7.61 1.04
C THR A 94 30.17 8.21 2.45
N ALA A 95 29.82 9.49 2.63
CA ALA A 95 29.92 10.12 3.95
C ALA A 95 29.02 9.40 4.95
N LYS A 96 29.55 9.14 6.15
CA LYS A 96 28.92 8.23 7.11
C LYS A 96 27.58 8.71 7.66
N GLN A 97 27.30 10.02 7.56
CA GLN A 97 26.00 10.56 8.00
C GLN A 97 24.84 9.98 7.19
N TRP A 98 25.14 9.42 6.01
CA TRP A 98 24.11 8.85 5.14
C TRP A 98 23.65 7.46 5.51
N ASN A 99 24.38 6.78 6.39
CA ASN A 99 23.98 5.47 6.85
C ASN A 99 22.62 5.61 7.56
N GLY A 100 21.66 4.78 7.18
CA GLY A 100 20.34 4.82 7.80
C GLY A 100 19.37 5.83 7.17
N ILE A 101 19.83 6.61 6.19
CA ILE A 101 18.95 7.55 5.47
C ILE A 101 18.40 6.85 4.21
N THR A 102 17.09 6.62 4.20
CA THR A 102 16.45 5.85 3.14
C THR A 102 15.72 6.79 2.18
N LEU A 103 15.23 6.24 1.07
CA LEU A 103 14.45 7.01 0.11
C LEU A 103 13.17 7.55 0.73
N LEU A 104 12.61 6.82 1.70
CA LEU A 104 11.45 7.32 2.47
C LEU A 104 11.77 8.66 3.15
N HIS A 105 12.90 8.71 3.83
CA HIS A 105 13.32 9.91 4.56
C HIS A 105 13.48 11.09 3.59
N LEU A 106 14.10 10.86 2.45
CA LEU A 106 14.25 11.90 1.43
C LEU A 106 12.90 12.39 0.92
N ALA A 107 12.02 11.47 0.55
CA ALA A 107 10.70 11.82 0.01
C ALA A 107 9.83 12.58 0.98
N THR A 108 10.02 12.37 2.29
CA THR A 108 9.11 12.91 3.33
C THR A 108 9.74 13.97 4.25
N TYR A 109 10.92 14.46 3.88
CA TYR A 109 11.62 15.55 4.60
C TYR A 109 12.09 15.15 5.99
N THR A 110 12.32 13.87 6.19
CA THR A 110 12.70 13.34 7.50
C THR A 110 14.13 12.78 7.59
N ALA A 111 15.00 13.16 6.65
CA ALA A 111 16.40 12.69 6.63
C ALA A 111 17.27 13.21 7.78
N GLY A 112 16.85 14.29 8.41
CA GLY A 112 17.52 14.88 9.56
C GLY A 112 18.00 16.29 9.36
N GLY A 113 17.23 17.08 8.62
CA GLY A 113 17.53 18.50 8.48
C GLY A 113 18.23 18.93 7.21
N LEU A 114 17.97 18.25 6.10
CA LEU A 114 18.38 18.75 4.78
C LEU A 114 17.75 20.12 4.52
N PRO A 115 18.51 21.05 3.93
CA PRO A 115 18.00 22.44 3.80
C PRO A 115 16.84 22.66 2.86
N LEU A 116 16.08 23.71 3.16
CA LEU A 116 14.95 24.15 2.36
C LEU A 116 15.34 24.30 0.89
N GLN A 117 16.49 24.93 0.66
CA GLN A 117 16.99 25.27 -0.67
C GLN A 117 18.33 24.60 -0.95
N VAL A 118 18.50 24.11 -2.18
CA VAL A 118 19.84 23.72 -2.63
C VAL A 118 20.54 25.04 -2.91
N PRO A 119 21.79 25.21 -2.43
CA PRO A 119 22.44 26.49 -2.68
C PRO A 119 22.58 26.83 -4.18
N ASP A 120 22.52 28.12 -4.50
CA ASP A 120 22.70 28.60 -5.88
C ASP A 120 24.04 28.18 -6.49
N GLU A 121 25.06 28.06 -5.62
N GLU A 121 25.07 28.04 -5.65
CA GLU A 121 26.44 27.64 -6.00
CA GLU A 121 26.41 27.71 -6.11
C GLU A 121 26.48 26.29 -6.68
C GLU A 121 26.55 26.25 -6.59
N VAL A 122 25.52 25.43 -6.36
CA VAL A 122 25.49 24.05 -6.80
C VAL A 122 24.89 23.95 -8.20
N LYS A 123 25.71 23.53 -9.17
CA LYS A 123 25.27 23.44 -10.55
C LYS A 123 25.50 22.06 -11.17
N SER A 124 26.74 21.59 -11.14
CA SER A 124 27.09 20.34 -11.80
C SER A 124 26.69 19.12 -10.98
N SER A 125 26.76 17.95 -11.61
CA SER A 125 26.58 16.69 -10.88
C SER A 125 27.65 16.55 -9.78
N SER A 126 28.87 17.02 -10.06
CA SER A 126 29.94 16.93 -9.05
C SER A 126 29.68 17.91 -7.89
N ASP A 127 29.16 19.10 -8.20
CA ASP A 127 28.73 20.09 -7.19
C ASP A 127 27.67 19.53 -6.24
N LEU A 128 26.73 18.79 -6.80
CA LEU A 128 25.60 18.25 -6.02
C LEU A 128 26.09 17.17 -5.07
N LEU A 129 26.98 16.31 -5.58
CA LEU A 129 27.55 15.23 -4.77
C LEU A 129 28.28 15.82 -3.59
N ARG A 130 29.08 16.85 -3.86
CA ARG A 130 29.85 17.49 -2.83
C ARG A 130 28.95 18.13 -1.74
N PHE A 131 27.85 18.73 -2.18
CA PHE A 131 26.89 19.33 -1.27
C PHE A 131 26.27 18.33 -0.28
N TYR A 132 25.80 17.18 -0.79
CA TYR A 132 25.22 16.13 0.04
C TYR A 132 26.28 15.42 0.91
N GLN A 133 27.49 15.26 0.38
CA GLN A 133 28.63 14.71 1.16
C GLN A 133 29.00 15.59 2.36
N ASN A 134 28.91 16.90 2.18
CA ASN A 134 29.32 17.86 3.21
C ASN A 134 28.21 18.16 4.21
N TRP A 135 26.97 17.86 3.82
CA TRP A 135 25.82 18.16 4.67
C TRP A 135 25.89 17.44 6.02
N GLN A 136 25.69 18.15 7.11
CA GLN A 136 25.68 17.53 8.45
C GLN A 136 24.29 17.57 9.07
N PRO A 137 23.68 16.40 9.27
CA PRO A 137 22.35 16.36 9.87
C PRO A 137 22.27 16.92 11.29
N ALA A 138 21.21 17.64 11.59
CA ALA A 138 20.94 18.14 12.94
C ALA A 138 20.36 17.03 13.79
N TRP A 139 19.68 16.07 13.15
CA TRP A 139 18.91 15.06 13.87
C TRP A 139 19.11 13.71 13.25
N ALA A 140 18.86 12.67 14.03
CA ALA A 140 18.85 11.29 13.53
C ALA A 140 17.77 11.18 12.45
N PRO A 141 17.94 10.23 11.52
CA PRO A 141 16.91 9.99 10.52
C PRO A 141 15.57 9.64 11.13
N GLY A 142 14.50 10.07 10.48
CA GLY A 142 13.13 9.72 10.90
C GLY A 142 12.67 10.22 12.25
N THR A 143 13.21 11.34 12.71
CA THR A 143 12.81 11.93 13.98
C THR A 143 12.14 13.28 13.85
N GLN A 144 12.61 14.10 12.90
CA GLN A 144 12.01 15.40 12.65
C GLN A 144 11.77 15.68 11.16
N ARG A 145 10.67 16.38 10.90
CA ARG A 145 10.31 16.88 9.56
C ARG A 145 10.76 18.32 9.41
N LEU A 146 11.50 18.57 8.34
CA LEU A 146 11.88 19.90 7.91
C LEU A 146 11.64 19.97 6.42
N TYR A 147 10.59 20.68 6.04
CA TYR A 147 10.27 20.90 4.62
C TYR A 147 11.50 21.36 3.84
N ALA A 148 11.75 20.68 2.73
CA ALA A 148 13.03 20.82 2.02
C ALA A 148 12.98 20.42 0.53
N ASN A 149 13.32 21.38 -0.36
CA ASN A 149 13.55 21.09 -1.77
C ASN A 149 14.69 20.10 -1.99
N SER A 150 15.76 20.27 -1.21
CA SER A 150 16.93 19.39 -1.28
C SER A 150 16.63 17.93 -0.87
N SER A 151 15.54 17.70 -0.16
CA SER A 151 15.19 16.37 0.30
C SER A 151 14.37 15.62 -0.78
N ILE A 152 13.17 16.13 -1.08
CA ILE A 152 12.33 15.47 -2.09
C ILE A 152 12.95 15.63 -3.49
N GLY A 153 13.71 16.70 -3.71
CA GLY A 153 14.43 16.89 -5.00
C GLY A 153 15.36 15.74 -5.27
N LEU A 154 16.13 15.35 -4.24
CA LEU A 154 17.06 14.24 -4.37
C LEU A 154 16.28 12.93 -4.56
N PHE A 155 15.20 12.79 -3.81
CA PHE A 155 14.32 11.63 -3.96
C PHE A 155 13.91 11.42 -5.42
N GLY A 156 13.48 12.50 -6.07
CA GLY A 156 13.00 12.43 -7.46
C GLY A 156 14.10 12.02 -8.40
N ALA A 157 15.28 12.61 -8.22
CA ALA A 157 16.43 12.30 -9.09
C ALA A 157 16.87 10.82 -8.97
N LEU A 158 16.90 10.31 -7.76
CA LEU A 158 17.27 8.92 -7.52
C LEU A 158 16.18 7.93 -7.92
N ALA A 159 14.91 8.31 -7.71
CA ALA A 159 13.82 7.39 -8.01
C ALA A 159 13.77 6.97 -9.49
N VAL A 160 14.23 7.85 -10.38
CA VAL A 160 14.21 7.56 -11.82
C VAL A 160 15.52 6.88 -12.31
N LYS A 161 16.49 6.68 -11.43
CA LYS A 161 17.77 6.16 -11.90
C LYS A 161 17.67 4.79 -12.55
N PRO A 162 17.00 3.81 -11.88
CA PRO A 162 16.82 2.47 -12.48
C PRO A 162 16.10 2.43 -13.83
N SER A 163 15.18 3.36 -14.06
CA SER A 163 14.46 3.45 -15.33
C SER A 163 15.38 3.70 -16.52
N GLY A 164 16.53 4.33 -16.27
CA GLY A 164 17.44 4.75 -17.32
C GLY A 164 17.07 6.08 -17.97
N LEU A 165 15.93 6.66 -17.59
CA LEU A 165 15.39 7.86 -18.24
C LEU A 165 15.82 9.08 -17.47
N SER A 166 15.86 10.23 -18.13
CA SER A 166 16.01 11.47 -17.40
C SER A 166 14.75 11.68 -16.56
N PHE A 167 14.84 12.52 -15.54
CA PHE A 167 13.67 12.83 -14.72
C PHE A 167 12.53 13.37 -15.59
N GLU A 168 12.86 14.28 -16.49
CA GLU A 168 11.88 14.86 -17.42
C GLU A 168 11.20 13.81 -18.35
N GLN A 169 12.00 12.97 -18.99
N GLN A 169 11.99 12.95 -18.97
CA GLN A 169 11.46 11.87 -19.82
CA GLN A 169 11.43 11.88 -19.84
C GLN A 169 10.59 10.91 -19.03
C GLN A 169 10.60 10.88 -19.06
N ALA A 170 11.03 10.54 -17.83
CA ALA A 170 10.23 9.65 -16.97
C ALA A 170 8.88 10.31 -16.68
N MET A 171 8.92 11.58 -16.26
CA MET A 171 7.69 12.28 -15.93
C MET A 171 6.73 12.40 -17.11
N GLN A 172 7.26 12.82 -18.27
CA GLN A 172 6.48 12.88 -19.52
C GLN A 172 5.82 11.55 -19.90
N THR A 173 6.62 10.49 -19.95
CA THR A 173 6.14 9.20 -20.44
CA THR A 173 6.18 9.18 -20.42
C THR A 173 5.31 8.44 -19.42
N ARG A 174 5.59 8.60 -18.13
CA ARG A 174 4.94 7.77 -17.11
C ARG A 174 3.81 8.43 -16.36
N VAL A 175 3.75 9.77 -16.39
CA VAL A 175 2.70 10.52 -15.70
C VAL A 175 1.90 11.45 -16.64
N PHE A 176 2.56 12.43 -17.26
CA PHE A 176 1.86 13.41 -18.12
C PHE A 176 1.11 12.77 -19.29
N GLN A 177 1.81 11.95 -20.07
CA GLN A 177 1.20 11.32 -21.26
C GLN A 177 0.02 10.39 -20.95
N PRO A 178 0.17 9.42 -20.02
CA PRO A 178 -0.97 8.57 -19.66
C PRO A 178 -2.19 9.35 -19.16
N LEU A 179 -1.97 10.45 -18.44
CA LEU A 179 -3.08 11.23 -17.89
C LEU A 179 -3.61 12.32 -18.84
N LYS A 180 -3.05 12.35 -20.04
CA LYS A 180 -3.37 13.34 -21.09
C LYS A 180 -3.20 14.77 -20.60
N LEU A 181 -2.14 14.98 -19.81
CA LEU A 181 -1.73 16.31 -19.39
C LEU A 181 -0.80 16.79 -20.51
N ASN A 182 -1.41 17.24 -21.61
CA ASN A 182 -0.68 17.60 -22.82
C ASN A 182 -0.21 19.06 -22.88
N HIS A 183 -0.48 19.82 -21.82
CA HIS A 183 -0.05 21.20 -21.67
C HIS A 183 0.57 21.43 -20.30
N THR A 184 1.35 20.44 -19.88
CA THR A 184 2.07 20.44 -18.61
C THR A 184 3.53 20.16 -18.96
N TRP A 185 4.42 21.00 -18.42
CA TRP A 185 5.82 21.06 -18.89
C TRP A 185 6.79 21.29 -17.78
N ILE A 186 7.95 20.64 -17.89
CA ILE A 186 9.11 20.94 -17.04
CA ILE A 186 9.08 20.96 -17.02
C ILE A 186 9.86 22.10 -17.69
N ASN A 187 9.99 22.02 -19.03
CA ASN A 187 10.58 23.08 -19.81
C ASN A 187 9.55 23.53 -20.85
N VAL A 188 9.19 24.82 -20.80
CA VAL A 188 8.11 25.31 -21.66
C VAL A 188 8.65 25.42 -23.09
N PRO A 189 8.04 24.69 -24.06
CA PRO A 189 8.54 24.80 -25.44
C PRO A 189 8.26 26.14 -26.10
N PRO A 190 9.09 26.53 -27.08
CA PRO A 190 8.85 27.78 -27.80
C PRO A 190 7.42 27.94 -28.31
N ALA A 191 6.82 26.86 -28.78
CA ALA A 191 5.48 26.87 -29.38
C ALA A 191 4.42 27.29 -28.33
N GLU A 192 4.75 27.08 -27.05
CA GLU A 192 3.80 27.36 -25.97
C GLU A 192 4.07 28.68 -25.23
N GLU A 193 5.11 29.42 -25.60
CA GLU A 193 5.50 30.64 -24.92
C GLU A 193 4.38 31.70 -24.89
N LYS A 194 3.59 31.73 -25.98
CA LYS A 194 2.37 32.55 -26.10
C LYS A 194 1.39 32.38 -24.92
N ASN A 195 1.36 31.19 -24.34
CA ASN A 195 0.48 30.85 -23.22
C ASN A 195 1.13 30.95 -21.83
N TYR A 196 2.42 31.26 -21.77
CA TYR A 196 3.16 31.22 -20.49
C TYR A 196 3.00 32.58 -19.81
N ALA A 197 2.21 32.61 -18.73
CA ALA A 197 2.01 33.83 -17.96
C ALA A 197 3.31 34.30 -17.40
N TRP A 198 3.43 35.61 -17.21
CA TRP A 198 4.51 36.19 -16.40
C TRP A 198 4.10 36.14 -14.93
N GLY A 199 5.07 35.88 -14.06
CA GLY A 199 4.90 36.06 -12.63
C GLY A 199 5.20 37.49 -12.30
N TYR A 200 4.65 38.00 -11.20
CA TYR A 200 4.86 39.39 -10.80
C TYR A 200 5.31 39.44 -9.36
N ARG A 201 6.52 39.99 -9.18
CA ARG A 201 7.15 40.14 -7.87
C ARG A 201 7.54 41.60 -7.75
N GLU A 202 6.97 42.28 -6.76
CA GLU A 202 7.20 43.70 -6.54
CA GLU A 202 7.21 43.69 -6.55
C GLU A 202 6.96 44.45 -7.85
N GLY A 203 5.91 44.06 -8.57
CA GLY A 203 5.52 44.67 -9.83
C GLY A 203 6.37 44.37 -11.06
N LYS A 204 7.44 43.59 -10.93
CA LYS A 204 8.30 43.23 -12.05
CA LYS A 204 8.28 43.23 -12.07
C LYS A 204 7.90 41.84 -12.57
N ALA A 205 7.89 41.68 -13.90
CA ALA A 205 7.59 40.41 -14.55
C ALA A 205 8.80 39.50 -14.41
N VAL A 206 8.55 38.29 -13.89
CA VAL A 206 9.58 37.33 -13.56
C VAL A 206 9.14 35.91 -13.91
N HIS A 207 10.11 35.10 -14.32
CA HIS A 207 9.93 33.65 -14.46
C HIS A 207 10.97 32.98 -13.58
N VAL A 208 10.68 31.73 -13.21
CA VAL A 208 11.57 30.92 -12.36
C VAL A 208 12.90 30.72 -13.08
N SER A 209 13.98 30.84 -12.31
CA SER A 209 15.35 30.63 -12.81
C SER A 209 15.78 29.17 -12.68
N PRO A 210 16.65 28.72 -13.59
CA PRO A 210 17.19 27.37 -13.47
C PRO A 210 17.93 27.18 -12.14
N GLY A 211 17.88 25.96 -11.63
CA GLY A 211 18.52 25.62 -10.37
C GLY A 211 18.66 24.13 -10.27
N ALA A 212 19.61 23.69 -9.45
CA ALA A 212 19.80 22.26 -9.18
C ALA A 212 18.53 21.65 -8.60
N LEU A 213 18.12 20.53 -9.17
CA LEU A 213 16.91 19.79 -8.73
C LEU A 213 15.63 20.60 -8.86
N ASP A 214 15.61 21.56 -9.79
CA ASP A 214 14.44 22.41 -10.02
C ASP A 214 13.25 21.61 -10.53
N ALA A 215 13.45 20.78 -11.54
CA ALA A 215 12.38 19.93 -12.13
C ALA A 215 11.68 19.07 -11.08
N GLU A 216 12.48 18.50 -10.19
CA GLU A 216 12.05 17.59 -9.14
C GLU A 216 11.28 18.25 -7.99
N ALA A 217 11.66 19.49 -7.63
CA ALA A 217 11.14 20.16 -6.46
C ALA A 217 10.13 21.27 -6.77
N TYR A 218 10.35 22.04 -7.87
CA TYR A 218 9.51 23.21 -8.12
C TYR A 218 9.31 23.66 -9.57
N GLY A 219 9.61 22.81 -10.55
CA GLY A 219 9.73 23.28 -11.91
C GLY A 219 8.64 22.96 -12.92
N VAL A 220 7.48 22.50 -12.48
CA VAL A 220 6.40 22.17 -13.40
C VAL A 220 5.54 23.43 -13.67
N LYS A 221 5.20 23.63 -14.93
CA LYS A 221 4.26 24.65 -15.39
C LYS A 221 3.05 23.93 -16.04
N SER A 222 1.84 24.43 -15.77
CA SER A 222 0.62 23.75 -16.23
C SER A 222 -0.54 24.74 -16.38
N THR A 223 -1.59 24.26 -17.04
CA THR A 223 -2.81 25.03 -17.27
C THR A 223 -3.85 24.63 -16.21
N ILE A 224 -4.90 25.44 -16.09
CA ILE A 224 -5.98 25.13 -15.17
C ILE A 224 -6.71 23.85 -15.61
N GLU A 225 -6.78 23.58 -16.92
CA GLU A 225 -7.40 22.37 -17.44
C GLU A 225 -6.63 21.10 -17.06
N ASP A 226 -5.34 21.09 -17.32
CA ASP A 226 -4.49 19.98 -16.93
C ASP A 226 -4.48 19.74 -15.41
N MET A 227 -4.45 20.81 -14.61
CA MET A 227 -4.42 20.68 -13.17
C MET A 227 -5.75 20.20 -12.62
N ALA A 228 -6.86 20.58 -13.24
CA ALA A 228 -8.15 19.95 -12.92
C ALA A 228 -8.12 18.44 -13.21
N ARG A 229 -7.54 18.06 -14.34
CA ARG A 229 -7.38 16.67 -14.72
C ARG A 229 -6.45 15.93 -13.75
N TRP A 230 -5.40 16.61 -13.29
CA TRP A 230 -4.53 16.07 -12.23
C TRP A 230 -5.32 15.77 -10.95
N VAL A 231 -6.18 16.70 -10.54
CA VAL A 231 -6.99 16.54 -9.34
C VAL A 231 -7.93 15.35 -9.51
N GLN A 232 -8.61 15.28 -10.66
CA GLN A 232 -9.50 14.15 -10.99
C GLN A 232 -8.76 12.82 -10.88
N SER A 233 -7.54 12.76 -11.42
CA SER A 233 -6.75 11.53 -11.38
C SER A 233 -6.44 11.11 -9.96
N ASN A 234 -6.16 12.09 -9.09
CA ASN A 234 -5.79 11.83 -7.70
C ASN A 234 -7.02 11.60 -6.81
N LEU A 235 -8.17 12.13 -7.25
CA LEU A 235 -9.45 11.88 -6.61
C LEU A 235 -9.91 10.44 -6.81
N LYS A 236 -9.76 9.94 -8.03
CA LYS A 236 -10.24 8.62 -8.44
C LYS A 236 -9.14 7.81 -9.16
N PRO A 237 -8.11 7.36 -8.43
CA PRO A 237 -7.01 6.63 -9.10
C PRO A 237 -7.40 5.28 -9.75
N LEU A 238 -8.53 4.71 -9.33
CA LEU A 238 -8.94 3.42 -9.88
C LEU A 238 -9.45 3.53 -11.32
N ASP A 239 -9.87 4.72 -11.74
CA ASP A 239 -10.21 4.98 -13.14
C ASP A 239 -9.00 4.99 -14.08
N ILE A 240 -7.79 5.05 -13.51
CA ILE A 240 -6.57 5.09 -14.30
C ILE A 240 -6.21 3.67 -14.77
N ASN A 241 -5.97 3.52 -16.07
CA ASN A 241 -5.83 2.20 -16.69
C ASN A 241 -4.41 1.64 -16.58
N GLU A 242 -3.43 2.51 -16.37
CA GLU A 242 -2.05 2.10 -16.18
C GLU A 242 -1.84 1.66 -14.74
N LYS A 243 -1.58 0.38 -14.54
CA LYS A 243 -1.59 -0.23 -13.21
C LYS A 243 -0.60 0.44 -12.25
N THR A 244 0.64 0.64 -12.71
CA THR A 244 1.66 1.20 -11.83
C THR A 244 1.37 2.67 -11.48
N LEU A 245 0.74 3.42 -12.38
CA LEU A 245 0.42 4.83 -12.14
C LEU A 245 -0.71 4.92 -11.14
N GLN A 246 -1.76 4.11 -11.32
CA GLN A 246 -2.86 3.97 -10.35
C GLN A 246 -2.28 3.70 -8.96
N GLN A 247 -1.39 2.73 -8.90
CA GLN A 247 -0.74 2.32 -7.66
C GLN A 247 0.13 3.43 -7.10
N GLY A 248 0.87 4.10 -7.98
CA GLY A 248 1.73 5.21 -7.56
C GLY A 248 0.98 6.35 -6.90
N ILE A 249 -0.19 6.68 -7.46
CA ILE A 249 -1.07 7.68 -6.88
C ILE A 249 -1.53 7.28 -5.47
N GLN A 250 -1.88 6.01 -5.29
CA GLN A 250 -2.31 5.53 -3.97
C GLN A 250 -1.18 5.63 -2.94
N LEU A 251 0.05 5.29 -3.36
CA LEU A 251 1.22 5.35 -2.47
C LEU A 251 1.56 6.81 -2.10
N ALA A 252 1.28 7.74 -3.00
CA ALA A 252 1.62 9.14 -2.72
C ALA A 252 0.67 9.72 -1.68
N GLN A 253 -0.53 9.14 -1.56
CA GLN A 253 -1.52 9.56 -0.57
C GLN A 253 -1.53 8.67 0.66
N SER A 254 -0.58 7.73 0.77
CA SER A 254 -0.45 7.00 2.06
C SER A 254 0.12 7.92 3.13
N ARG A 255 -0.19 7.62 4.39
CA ARG A 255 0.25 8.44 5.49
C ARG A 255 1.47 7.82 6.17
N TYR A 256 2.63 8.44 5.97
CA TYR A 256 3.92 7.92 6.47
C TYR A 256 4.32 8.45 7.86
N TRP A 257 3.91 9.67 8.16
CA TRP A 257 4.34 10.38 9.35
C TRP A 257 3.19 11.27 9.78
N GLN A 258 3.09 11.51 11.07
CA GLN A 258 2.16 12.51 11.59
C GLN A 258 2.87 13.56 12.39
N THR A 259 2.50 14.82 12.16
CA THR A 259 2.86 15.93 13.03
C THR A 259 1.61 16.80 13.27
N GLY A 260 1.23 16.94 14.54
CA GLY A 260 -0.02 17.60 14.87
C GLY A 260 -1.19 16.88 14.21
N ASP A 261 -2.01 17.64 13.49
CA ASP A 261 -3.16 17.08 12.78
C ASP A 261 -2.83 16.75 11.30
N MET A 262 -1.60 16.98 10.85
CA MET A 262 -1.24 16.64 9.46
C MET A 262 -0.41 15.35 9.30
N TYR A 263 -0.64 14.71 8.17
CA TYR A 263 0.06 13.50 7.75
C TYR A 263 0.81 13.76 6.46
N GLN A 264 2.05 13.26 6.42
CA GLN A 264 2.93 13.38 5.26
C GLN A 264 2.79 12.22 4.28
N GLY A 265 2.42 12.55 3.04
CA GLY A 265 2.48 11.59 1.94
C GLY A 265 3.75 11.76 1.11
N LEU A 266 3.72 11.27 -0.12
CA LEU A 266 4.77 11.55 -1.08
C LEU A 266 4.32 12.76 -1.90
N GLY A 267 4.86 13.92 -1.55
CA GLY A 267 4.41 15.20 -2.13
C GLY A 267 3.15 15.74 -1.47
N TRP A 268 2.06 14.99 -1.58
CA TRP A 268 0.81 15.39 -0.92
C TRP A 268 0.94 15.39 0.60
N GLU A 269 0.15 16.26 1.22
CA GLU A 269 -0.03 16.29 2.65
C GLU A 269 -1.53 16.08 2.91
N MET A 270 -1.88 15.40 4.00
CA MET A 270 -3.27 15.03 4.25
C MET A 270 -3.69 15.34 5.66
N LEU A 271 -4.97 15.68 5.84
CA LEU A 271 -5.58 15.76 7.19
C LEU A 271 -6.88 14.99 7.13
N ASP A 272 -7.35 14.50 8.27
CA ASP A 272 -8.67 13.84 8.29
C ASP A 272 -9.79 14.82 7.98
N TRP A 273 -10.74 14.36 7.18
CA TRP A 273 -11.94 15.11 6.89
C TRP A 273 -13.03 14.54 7.80
N PRO A 274 -13.82 15.41 8.45
CA PRO A 274 -13.85 16.86 8.38
C PRO A 274 -12.68 17.52 9.07
N VAL A 275 -12.17 18.60 8.46
CA VAL A 275 -10.99 19.27 8.98
C VAL A 275 -11.46 20.46 9.77
N ASN A 276 -10.63 20.86 10.71
CA ASN A 276 -10.76 22.12 11.36
C ASN A 276 -10.08 23.14 10.45
N PRO A 277 -10.85 24.08 9.86
CA PRO A 277 -10.29 25.02 8.88
C PRO A 277 -9.13 25.84 9.45
N ASP A 278 -9.18 26.15 10.75
CA ASP A 278 -8.06 26.80 11.41
C ASP A 278 -6.78 25.96 11.34
N SER A 279 -6.91 24.63 11.35
CA SER A 279 -5.74 23.77 11.20
C SER A 279 -5.10 23.97 9.83
N ILE A 280 -5.85 23.69 8.76
CA ILE A 280 -5.31 23.83 7.40
C ILE A 280 -4.92 25.28 7.08
N ILE A 281 -5.77 26.24 7.46
CA ILE A 281 -5.49 27.65 7.16
C ILE A 281 -4.23 28.11 7.91
N ASN A 282 -4.27 28.07 9.24
CA ASN A 282 -3.11 28.48 10.03
C ASN A 282 -1.91 27.58 9.73
N GLY A 283 -2.16 26.28 9.56
CA GLY A 283 -1.12 25.31 9.28
C GLY A 283 -0.36 25.55 7.98
N SER A 284 -1.06 26.14 7.00
CA SER A 284 -0.47 26.46 5.69
C SER A 284 0.51 27.65 5.76
N ASP A 285 0.44 28.43 6.84
CA ASP A 285 1.35 29.56 7.01
C ASP A 285 2.75 28.98 7.08
N ASN A 286 3.65 29.62 6.33
CA ASN A 286 5.06 29.27 6.34
C ASN A 286 5.59 29.47 7.75
N LYS A 287 6.55 28.62 8.13
CA LYS A 287 7.07 28.59 9.51
C LYS A 287 6.03 28.22 10.64
N ILE A 288 4.84 27.75 10.23
CA ILE A 288 4.46 26.40 10.70
C ILE A 288 4.78 25.38 9.58
N ALA A 289 4.44 25.69 8.33
CA ALA A 289 4.72 24.75 7.21
C ALA A 289 6.24 24.48 7.00
N LEU A 290 7.08 25.46 7.35
CA LEU A 290 8.54 25.40 7.09
C LEU A 290 9.39 25.18 8.35
N ALA A 291 8.73 25.04 9.50
CA ALA A 291 9.37 24.83 10.82
C ALA A 291 9.82 23.37 11.02
N ALA A 292 10.81 23.16 11.90
CA ALA A 292 11.23 21.82 12.28
C ALA A 292 10.26 21.27 13.32
N ARG A 293 9.66 20.13 13.00
CA ARG A 293 8.66 19.49 13.86
C ARG A 293 8.95 18.01 14.06
N PRO A 294 8.90 17.53 15.32
CA PRO A 294 9.05 16.09 15.54
C PRO A 294 7.92 15.34 14.86
N VAL A 295 8.22 14.19 14.29
CA VAL A 295 7.21 13.35 13.67
C VAL A 295 7.05 11.99 14.36
N LYS A 296 5.81 11.52 14.36
CA LYS A 296 5.49 10.14 14.76
C LYS A 296 5.44 9.28 13.49
N ALA A 297 6.23 8.21 13.48
CA ALA A 297 6.19 7.25 12.39
C ALA A 297 4.86 6.54 12.40
N ILE A 298 4.28 6.35 11.22
CA ILE A 298 3.07 5.56 11.03
C ILE A 298 3.51 4.20 10.49
N THR A 299 3.53 3.22 11.39
CA THR A 299 4.19 1.94 11.16
C THR A 299 3.20 0.80 11.18
N PRO A 300 2.82 0.27 10.01
CA PRO A 300 3.17 0.65 8.67
C PRO A 300 2.27 1.81 8.21
N PRO A 301 2.62 2.44 7.08
CA PRO A 301 1.80 3.53 6.55
C PRO A 301 0.33 3.18 6.28
N THR A 302 -0.57 4.10 6.63
CA THR A 302 -1.99 3.94 6.35
C THR A 302 -2.28 4.15 4.87
N PRO A 303 -2.98 3.20 4.21
CA PRO A 303 -3.27 3.39 2.80
C PRO A 303 -4.16 4.61 2.64
N ALA A 304 -4.08 5.24 1.47
CA ALA A 304 -4.87 6.43 1.19
C ALA A 304 -6.27 6.38 1.82
N VAL A 305 -6.53 7.32 2.73
CA VAL A 305 -7.83 7.46 3.39
C VAL A 305 -8.77 8.37 2.57
N ARG A 306 -9.89 7.82 2.09
CA ARG A 306 -10.87 8.58 1.28
CA ARG A 306 -10.81 8.62 1.26
C ARG A 306 -11.42 9.84 1.98
N ALA A 307 -11.68 9.73 3.28
CA ALA A 307 -12.15 10.86 4.12
C ALA A 307 -10.99 11.74 4.61
N SER A 308 -10.32 12.37 3.65
CA SER A 308 -9.15 13.19 3.89
C SER A 308 -9.30 14.47 3.12
N TRP A 309 -8.69 15.53 3.64
CA TRP A 309 -8.46 16.78 2.93
C TRP A 309 -7.02 16.61 2.45
N VAL A 310 -6.86 16.45 1.16
CA VAL A 310 -5.53 16.22 0.56
C VAL A 310 -5.16 17.50 -0.18
N HIS A 311 -3.95 18.00 0.07
CA HIS A 311 -3.55 19.32 -0.42
C HIS A 311 -2.05 19.54 -0.60
N LYS A 312 -1.72 20.59 -1.34
CA LYS A 312 -0.34 21.13 -1.42
C LYS A 312 -0.38 22.59 -1.87
N THR A 313 0.33 23.45 -1.14
CA THR A 313 0.61 24.82 -1.58
C THR A 313 1.90 24.82 -2.38
N GLY A 314 2.07 25.81 -3.24
CA GLY A 314 3.34 25.96 -3.93
C GLY A 314 3.51 27.36 -4.42
N ALA A 315 4.75 27.82 -4.45
CA ALA A 315 5.07 29.15 -4.94
C ALA A 315 6.36 29.17 -5.73
N THR A 316 6.48 30.18 -6.57
CA THR A 316 7.77 30.61 -7.09
C THR A 316 7.86 32.10 -6.76
N GLY A 317 8.97 32.74 -7.11
CA GLY A 317 9.13 34.16 -6.81
C GLY A 317 7.95 34.99 -7.32
N GLY A 318 7.37 34.57 -8.44
CA GLY A 318 6.30 35.29 -9.11
C GLY A 318 4.94 34.63 -9.14
N PHE A 319 4.78 33.44 -8.53
CA PHE A 319 3.53 32.69 -8.62
C PHE A 319 3.13 32.07 -7.27
N GLY A 320 1.82 31.91 -7.10
CA GLY A 320 1.21 31.26 -5.93
C GLY A 320 0.13 30.30 -6.37
N SER A 321 0.28 29.05 -5.98
CA SER A 321 -0.69 28.01 -6.32
CA SER A 321 -0.68 28.00 -6.33
C SER A 321 -1.14 27.21 -5.10
N TYR A 322 -2.29 26.56 -5.25
CA TYR A 322 -2.88 25.71 -4.23
C TYR A 322 -3.79 24.69 -4.87
N VAL A 323 -3.68 23.44 -4.41
CA VAL A 323 -4.57 22.37 -4.80
C VAL A 323 -5.05 21.66 -3.54
N ALA A 324 -6.35 21.35 -3.49
CA ALA A 324 -6.97 20.61 -2.37
C ALA A 324 -8.11 19.76 -2.92
N PHE A 325 -8.27 18.57 -2.37
CA PHE A 325 -9.36 17.71 -2.76
C PHE A 325 -9.74 16.75 -1.64
N ILE A 326 -10.97 16.26 -1.73
CA ILE A 326 -11.53 15.35 -0.72
C ILE A 326 -12.06 14.15 -1.47
N PRO A 327 -11.28 13.06 -1.53
CA PRO A 327 -11.67 11.88 -2.31
C PRO A 327 -13.09 11.39 -2.06
N GLU A 328 -13.44 11.27 -0.79
CA GLU A 328 -14.76 10.80 -0.36
C GLU A 328 -15.93 11.58 -1.00
N LYS A 329 -15.76 12.87 -1.26
CA LYS A 329 -16.83 13.74 -1.77
C LYS A 329 -16.70 14.06 -3.26
N GLU A 330 -15.69 13.51 -3.93
CA GLU A 330 -15.45 13.76 -5.35
C GLU A 330 -15.34 15.27 -5.62
N LEU A 331 -14.69 15.96 -4.70
CA LEU A 331 -14.70 17.41 -4.62
C LEU A 331 -13.26 17.91 -4.54
N GLY A 332 -12.93 18.91 -5.35
CA GLY A 332 -11.61 19.52 -5.26
C GLY A 332 -11.52 20.89 -5.89
N ILE A 333 -10.36 21.50 -5.72
CA ILE A 333 -10.11 22.84 -6.23
C ILE A 333 -8.63 23.00 -6.60
N VAL A 334 -8.40 23.77 -7.66
CA VAL A 334 -7.09 24.28 -8.03
C VAL A 334 -7.21 25.79 -8.14
N MET A 335 -6.27 26.49 -7.50
CA MET A 335 -6.12 27.94 -7.60
C MET A 335 -4.71 28.29 -8.10
N LEU A 336 -4.64 28.89 -9.29
CA LEU A 336 -3.35 29.31 -9.89
C LEU A 336 -3.36 30.83 -10.06
N ALA A 337 -2.32 31.49 -9.56
CA ALA A 337 -2.16 32.96 -9.65
C ALA A 337 -0.73 33.32 -10.03
N ASN A 338 -0.57 34.43 -10.76
CA ASN A 338 0.75 34.96 -11.09
C ASN A 338 1.23 36.09 -10.17
N LYS A 339 0.99 35.87 -8.89
CA LYS A 339 1.65 36.56 -7.81
C LYS A 339 1.73 35.57 -6.62
N ASN A 340 2.87 35.60 -5.94
CA ASN A 340 3.09 34.83 -4.74
C ASN A 340 2.45 35.59 -3.55
N TYR A 341 1.26 35.19 -3.15
CA TYR A 341 0.56 35.84 -2.02
C TYR A 341 0.45 34.81 -0.90
N PRO A 342 0.16 35.26 0.34
CA PRO A 342 0.31 34.35 1.50
C PRO A 342 -0.54 33.09 1.48
N ASN A 343 0.08 31.96 1.83
CA ASN A 343 -0.60 30.67 1.85
C ASN A 343 -1.96 30.68 2.58
N PRO A 344 -2.01 31.31 3.77
CA PRO A 344 -3.28 31.29 4.54
C PRO A 344 -4.47 31.87 3.76
N ALA A 345 -4.21 32.90 2.95
CA ALA A 345 -5.25 33.48 2.11
C ALA A 345 -5.73 32.47 1.06
N ARG A 346 -4.81 31.66 0.51
CA ARG A 346 -5.19 30.59 -0.45
C ARG A 346 -6.07 29.54 0.19
N VAL A 347 -5.62 29.03 1.33
CA VAL A 347 -6.31 27.92 1.97
C VAL A 347 -7.68 28.39 2.51
N ASP A 348 -7.75 29.61 3.04
CA ASP A 348 -9.03 30.16 3.51
C ASP A 348 -10.04 30.24 2.35
N ALA A 349 -9.60 30.75 1.20
CA ALA A 349 -10.49 30.83 0.03
C ALA A 349 -10.92 29.45 -0.43
N ALA A 350 -9.97 28.50 -0.45
CA ALA A 350 -10.24 27.13 -0.84
C ALA A 350 -11.25 26.47 0.10
N TRP A 351 -11.08 26.63 1.40
CA TRP A 351 -12.02 26.05 2.37
C TRP A 351 -13.41 26.69 2.27
N GLN A 352 -13.44 28.00 2.08
CA GLN A 352 -14.73 28.69 1.94
CA GLN A 352 -14.71 28.73 1.90
C GLN A 352 -15.51 28.10 0.77
N ILE A 353 -14.85 27.85 -0.36
CA ILE A 353 -15.48 27.26 -1.55
C ILE A 353 -15.89 25.78 -1.38
N LEU A 354 -14.96 24.93 -0.93
CA LEU A 354 -15.25 23.52 -0.78
C LEU A 354 -16.25 23.24 0.35
N ASN A 355 -16.11 23.93 1.46
CA ASN A 355 -17.09 23.80 2.57
C ASN A 355 -18.53 24.11 2.07
N ALA A 356 -18.68 25.17 1.29
CA ALA A 356 -19.99 25.53 0.71
C ALA A 356 -20.58 24.45 -0.18
N LEU A 357 -19.74 23.79 -0.98
CA LEU A 357 -20.22 22.80 -1.95
C LEU A 357 -20.32 21.40 -1.37
N GLN A 358 -19.72 21.23 -0.21
CA GLN A 358 -19.57 19.93 0.44
C GLN A 358 -20.92 19.44 0.92
N ALA B 1 -6.21 -31.28 -19.70
CA ALA B 1 -4.96 -30.55 -19.35
C ALA B 1 -3.90 -30.77 -20.42
N PRO B 2 -3.08 -29.72 -20.71
CA PRO B 2 -1.91 -29.94 -21.55
C PRO B 2 -1.10 -31.15 -21.08
N GLN B 3 -0.54 -31.90 -22.02
CA GLN B 3 0.20 -33.11 -21.69
C GLN B 3 1.34 -32.86 -20.68
N GLN B 4 2.01 -31.73 -20.75
CA GLN B 4 3.15 -31.49 -19.87
C GLN B 4 2.68 -31.32 -18.42
N ILE B 5 1.48 -30.77 -18.23
CA ILE B 5 0.89 -30.68 -16.89
C ILE B 5 0.50 -32.06 -16.38
N ASN B 6 -0.23 -32.83 -17.18
CA ASN B 6 -0.59 -34.20 -16.78
C ASN B 6 0.63 -35.03 -16.44
N ASP B 7 1.69 -34.89 -17.25
CA ASP B 7 2.92 -35.66 -17.09
C ASP B 7 3.61 -35.39 -15.76
N ILE B 8 3.92 -34.12 -15.50
CA ILE B 8 4.64 -33.76 -14.28
C ILE B 8 3.79 -34.01 -13.02
N VAL B 9 2.48 -33.76 -13.08
CA VAL B 9 1.65 -34.02 -11.88
C VAL B 9 1.61 -35.52 -11.55
N HIS B 10 1.38 -36.36 -12.57
CA HIS B 10 1.31 -37.81 -12.41
C HIS B 10 2.62 -38.39 -11.88
N ARG B 11 3.75 -37.97 -12.46
CA ARG B 11 5.06 -38.45 -12.03
C ARG B 11 5.50 -37.96 -10.62
N THR B 12 4.90 -36.87 -10.15
CA THR B 12 5.28 -36.28 -8.87
C THR B 12 4.28 -36.65 -7.73
N ILE B 13 2.99 -36.38 -7.96
CA ILE B 13 1.97 -36.58 -6.91
C ILE B 13 1.64 -38.06 -6.67
N THR B 14 1.51 -38.83 -7.75
CA THR B 14 1.12 -40.23 -7.61
C THR B 14 2.12 -41.02 -6.71
N PRO B 15 3.45 -40.90 -6.95
CA PRO B 15 4.44 -41.48 -6.03
C PRO B 15 4.44 -40.92 -4.61
N LEU B 16 4.21 -39.61 -4.49
CA LEU B 16 4.09 -38.98 -3.16
C LEU B 16 2.99 -39.66 -2.32
N ILE B 17 1.83 -39.87 -2.94
CA ILE B 17 0.69 -40.53 -2.30
C ILE B 17 1.08 -41.94 -1.78
N GLU B 18 1.78 -42.69 -2.63
CA GLU B 18 2.21 -44.04 -2.28
C GLU B 18 3.23 -43.98 -1.14
N GLN B 19 4.22 -43.10 -1.28
CA GLN B 19 5.27 -42.93 -0.27
C GLN B 19 4.76 -42.52 1.11
N GLN B 20 3.79 -41.60 1.16
CA GLN B 20 3.30 -41.04 2.42
C GLN B 20 2.04 -41.74 2.90
N LYS B 21 1.55 -42.69 2.10
CA LYS B 21 0.35 -43.44 2.40
C LYS B 21 -0.81 -42.46 2.66
N ILE B 22 -1.07 -41.61 1.67
CA ILE B 22 -2.14 -40.62 1.76
C ILE B 22 -3.45 -41.22 1.27
N PRO B 23 -4.48 -41.29 2.13
CA PRO B 23 -5.73 -41.93 1.69
C PRO B 23 -6.45 -41.23 0.51
N GLY B 24 -6.44 -39.90 0.51
CA GLY B 24 -7.13 -39.14 -0.52
C GLY B 24 -6.46 -37.81 -0.76
N MET B 25 -6.52 -37.34 -2.00
CA MET B 25 -5.80 -36.15 -2.39
C MET B 25 -6.43 -35.47 -3.58
N ALA B 26 -6.48 -34.15 -3.53
CA ALA B 26 -6.82 -33.33 -4.71
C ALA B 26 -5.74 -32.31 -4.94
N VAL B 27 -5.46 -32.08 -6.21
CA VAL B 27 -4.46 -31.11 -6.62
C VAL B 27 -5.07 -30.26 -7.72
N ALA B 28 -4.76 -28.96 -7.66
CA ALA B 28 -5.07 -28.04 -8.75
C ALA B 28 -3.79 -27.39 -9.22
N VAL B 29 -3.61 -27.33 -10.54
CA VAL B 29 -2.54 -26.53 -11.14
C VAL B 29 -3.16 -25.39 -11.93
N ILE B 30 -2.73 -24.17 -11.64
CA ILE B 30 -3.17 -23.00 -12.38
C ILE B 30 -2.01 -22.72 -13.32
N TYR B 31 -2.29 -22.81 -14.62
CA TYR B 31 -1.29 -22.64 -15.65
C TYR B 31 -1.83 -21.62 -16.62
N GLN B 32 -1.03 -20.57 -16.87
CA GLN B 32 -1.46 -19.42 -17.66
C GLN B 32 -2.86 -18.94 -17.21
N GLY B 33 -3.04 -18.88 -15.89
CA GLY B 33 -4.29 -18.41 -15.30
C GLY B 33 -5.46 -19.38 -15.22
N LYS B 34 -5.40 -20.51 -15.93
CA LYS B 34 -6.50 -21.49 -15.95
C LYS B 34 -6.22 -22.70 -15.03
N PRO B 35 -7.26 -23.23 -14.36
CA PRO B 35 -7.15 -24.38 -13.45
C PRO B 35 -7.27 -25.75 -14.10
N TYR B 36 -6.48 -26.70 -13.61
CA TYR B 36 -6.51 -28.10 -14.07
C TYR B 36 -6.54 -28.96 -12.82
N TYR B 37 -7.43 -29.95 -12.80
CA TYR B 37 -7.75 -30.66 -11.56
C TYR B 37 -7.33 -32.10 -11.60
N PHE B 38 -6.93 -32.62 -10.44
CA PHE B 38 -6.52 -34.00 -10.31
C PHE B 38 -6.98 -34.52 -8.98
N THR B 39 -7.50 -35.77 -8.99
CA THR B 39 -7.93 -36.40 -7.75
C THR B 39 -7.52 -37.86 -7.68
N TRP B 40 -7.30 -38.31 -6.44
CA TRP B 40 -6.89 -39.67 -6.13
C TRP B 40 -7.57 -40.10 -4.84
N GLY B 41 -7.95 -41.37 -4.79
CA GLY B 41 -8.23 -42.04 -3.51
C GLY B 41 -9.57 -41.68 -2.90
N TYR B 42 -9.64 -41.80 -1.57
CA TYR B 42 -10.90 -41.70 -0.84
C TYR B 42 -10.96 -40.51 0.12
N ALA B 43 -12.08 -39.79 0.09
CA ALA B 43 -12.45 -38.85 1.16
C ALA B 43 -12.80 -39.57 2.48
N ASP B 44 -13.42 -40.74 2.34
CA ASP B 44 -13.85 -41.59 3.46
C ASP B 44 -13.46 -43.05 3.12
N ILE B 45 -12.55 -43.64 3.88
CA ILE B 45 -12.03 -44.99 3.59
C ILE B 45 -13.14 -46.05 3.81
N ALA B 46 -13.65 -46.10 5.05
CA ALA B 46 -14.74 -47.01 5.44
C ALA B 46 -15.89 -47.06 4.43
N LYS B 47 -16.38 -45.88 4.08
CA LYS B 47 -17.52 -45.73 3.17
C LYS B 47 -17.12 -45.79 1.68
N LYS B 48 -15.81 -45.86 1.40
CA LYS B 48 -15.27 -45.81 0.03
C LYS B 48 -15.82 -44.66 -0.79
N GLN B 49 -15.88 -43.48 -0.18
CA GLN B 49 -16.31 -42.27 -0.89
C GLN B 49 -15.05 -41.71 -1.57
N PRO B 50 -15.08 -41.57 -2.90
CA PRO B 50 -13.93 -41.03 -3.60
C PRO B 50 -13.74 -39.54 -3.34
N VAL B 51 -12.50 -39.07 -3.45
CA VAL B 51 -12.24 -37.65 -3.50
C VAL B 51 -12.74 -37.15 -4.84
N THR B 52 -13.56 -36.09 -4.80
CA THR B 52 -13.99 -35.39 -6.01
C THR B 52 -13.63 -33.89 -5.91
N GLN B 53 -13.95 -33.18 -6.97
CA GLN B 53 -13.91 -31.72 -7.03
C GLN B 53 -14.84 -31.02 -5.99
N GLN B 54 -15.84 -31.75 -5.49
CA GLN B 54 -16.72 -31.17 -4.46
CA GLN B 54 -16.78 -31.25 -4.47
C GLN B 54 -16.33 -31.57 -3.03
N THR B 55 -15.23 -32.31 -2.88
CA THR B 55 -14.79 -32.76 -1.56
C THR B 55 -14.20 -31.62 -0.73
N LEU B 56 -14.69 -31.44 0.51
CA LEU B 56 -14.13 -30.43 1.43
C LEU B 56 -13.00 -30.99 2.30
N PHE B 57 -11.89 -30.26 2.34
CA PHE B 57 -10.72 -30.60 3.14
C PHE B 57 -10.54 -29.55 4.20
N GLU B 58 -9.98 -29.93 5.33
CA GLU B 58 -9.55 -28.96 6.34
C GLU B 58 -8.24 -28.31 5.88
N LEU B 59 -8.27 -27.00 5.68
CA LEU B 59 -7.07 -26.26 5.29
C LEU B 59 -6.07 -26.08 6.42
N GLY B 60 -6.50 -26.22 7.67
CA GLY B 60 -5.64 -25.89 8.78
C GLY B 60 -5.13 -24.45 8.65
N SER B 61 -3.85 -24.25 8.87
CA SER B 61 -3.21 -22.91 8.88
C SER B 61 -3.21 -22.16 7.55
N VAL B 62 -3.53 -22.83 6.45
CA VAL B 62 -3.76 -22.12 5.17
C VAL B 62 -4.96 -21.14 5.31
N SER B 63 -5.80 -21.39 6.33
CA SER B 63 -6.84 -20.42 6.77
C SER B 63 -6.31 -19.02 7.05
N LYS B 64 -5.08 -18.92 7.56
CA LYS B 64 -4.43 -17.65 7.85
CA LYS B 64 -4.43 -17.65 7.87
C LYS B 64 -4.32 -16.75 6.63
N THR B 65 -4.32 -17.34 5.43
CA THR B 65 -4.27 -16.53 4.20
C THR B 65 -5.60 -15.79 4.00
N PHE B 66 -6.71 -16.48 4.32
CA PHE B 66 -8.03 -15.84 4.34
C PHE B 66 -8.14 -14.78 5.42
N THR B 67 -7.62 -15.07 6.60
CA THR B 67 -7.62 -14.10 7.70
C THR B 67 -6.77 -12.86 7.35
N GLY B 68 -5.63 -13.08 6.71
CA GLY B 68 -4.78 -11.97 6.28
C GLY B 68 -5.48 -11.06 5.28
N VAL B 69 -6.15 -11.68 4.31
CA VAL B 69 -6.85 -10.96 3.27
C VAL B 69 -8.11 -10.24 3.83
N LEU B 70 -8.80 -10.87 4.77
CA LEU B 70 -9.95 -10.22 5.43
C LEU B 70 -9.47 -9.02 6.24
N GLY B 71 -8.32 -9.17 6.90
CA GLY B 71 -7.72 -8.06 7.59
C GLY B 71 -7.33 -6.94 6.63
N GLY B 72 -6.77 -7.33 5.49
CA GLY B 72 -6.39 -6.39 4.44
C GLY B 72 -7.60 -5.64 3.92
N ASP B 73 -8.71 -6.37 3.75
CA ASP B 73 -9.97 -5.77 3.31
C ASP B 73 -10.50 -4.72 4.33
N ALA B 74 -10.36 -5.01 5.62
CA ALA B 74 -10.77 -4.11 6.72
C ALA B 74 -9.89 -2.85 6.82
N ILE B 75 -8.60 -2.98 6.52
CA ILE B 75 -7.72 -1.83 6.39
C ILE B 75 -8.22 -0.96 5.23
N ALA B 76 -8.51 -1.61 4.09
CA ALA B 76 -8.93 -0.92 2.87
C ALA B 76 -10.28 -0.20 3.04
N ARG B 77 -11.16 -0.80 3.85
CA ARG B 77 -12.44 -0.19 4.23
C ARG B 77 -12.29 0.94 5.25
N GLY B 78 -11.04 1.25 5.66
CA GLY B 78 -10.78 2.25 6.66
C GLY B 78 -11.22 1.88 8.07
N GLU B 79 -11.56 0.61 8.32
CA GLU B 79 -12.08 0.15 9.62
C GLU B 79 -11.00 -0.07 10.67
N ILE B 80 -9.83 -0.54 10.23
CA ILE B 80 -8.67 -0.70 11.09
C ILE B 80 -7.40 -0.15 10.43
N LYS B 81 -6.38 0.04 11.26
CA LYS B 81 -5.01 0.32 10.81
CA LYS B 81 -5.01 0.32 10.81
C LYS B 81 -4.03 -0.62 11.52
N LEU B 82 -3.05 -1.12 10.78
CA LEU B 82 -2.03 -2.04 11.33
C LEU B 82 -1.11 -1.35 12.34
N SER B 83 -1.02 -0.03 12.23
CA SER B 83 -0.28 0.78 13.18
C SER B 83 -1.02 1.01 14.51
N ASP B 84 -2.31 0.67 14.58
CA ASP B 84 -3.06 0.89 15.81
C ASP B 84 -2.67 -0.10 16.92
N PRO B 85 -2.63 0.36 18.18
CA PRO B 85 -2.43 -0.53 19.32
C PRO B 85 -3.53 -1.57 19.39
N THR B 86 -3.17 -2.77 19.83
CA THR B 86 -4.12 -3.85 20.05
C THR B 86 -5.26 -3.39 20.96
N THR B 87 -4.93 -2.58 21.97
CA THR B 87 -5.92 -2.14 22.96
C THR B 87 -6.97 -1.16 22.41
N LYS B 88 -6.73 -0.57 21.24
CA LYS B 88 -7.78 0.22 20.57
C LYS B 88 -9.03 -0.63 20.30
N TYR B 89 -8.81 -1.87 19.87
CA TYR B 89 -9.90 -2.75 19.47
C TYR B 89 -10.30 -3.75 20.57
N TRP B 90 -9.51 -3.80 21.65
CA TRP B 90 -9.84 -4.58 22.85
C TRP B 90 -9.56 -3.75 24.09
N PRO B 91 -10.46 -2.80 24.40
CA PRO B 91 -10.13 -1.87 25.48
C PRO B 91 -9.97 -2.54 26.84
N GLU B 92 -10.56 -3.74 27.00
CA GLU B 92 -10.44 -4.50 28.23
CA GLU B 92 -10.44 -4.53 28.25
C GLU B 92 -9.02 -5.09 28.44
N LEU B 93 -8.21 -5.08 27.38
CA LEU B 93 -6.83 -5.57 27.44
C LEU B 93 -5.88 -4.47 27.94
N THR B 94 -5.84 -4.31 29.27
CA THR B 94 -5.20 -3.17 29.92
C THR B 94 -3.81 -3.41 30.54
N ALA B 95 -3.36 -4.67 30.55
CA ALA B 95 -2.08 -5.01 31.18
C ALA B 95 -0.93 -4.32 30.41
N LYS B 96 0.07 -3.91 31.17
CA LYS B 96 1.08 -2.96 30.72
C LYS B 96 1.99 -3.50 29.60
N GLN B 97 2.12 -4.83 29.53
CA GLN B 97 2.97 -5.50 28.52
C GLN B 97 2.44 -5.34 27.09
N TRP B 98 1.18 -4.94 26.99
CA TRP B 98 0.55 -4.72 25.70
C TRP B 98 0.86 -3.34 25.11
N ASN B 99 1.43 -2.44 25.93
CA ASN B 99 1.84 -1.13 25.43
C ASN B 99 2.82 -1.25 24.27
N GLY B 100 2.45 -0.74 23.10
CA GLY B 100 3.30 -0.84 21.93
C GLY B 100 3.18 -2.11 21.10
N ILE B 101 2.26 -3.01 21.47
CA ILE B 101 1.94 -4.16 20.62
C ILE B 101 0.76 -3.77 19.72
N THR B 102 1.00 -3.73 18.42
CA THR B 102 0.03 -3.24 17.45
C THR B 102 -0.58 -4.39 16.68
N LEU B 103 -1.59 -4.08 15.86
CA LEU B 103 -2.20 -5.09 15.02
C LEU B 103 -1.19 -5.70 14.05
N LEU B 104 -0.27 -4.90 13.56
CA LEU B 104 0.77 -5.42 12.68
C LEU B 104 1.52 -6.57 13.37
N HIS B 105 1.91 -6.34 14.61
CA HIS B 105 2.65 -7.36 15.41
C HIS B 105 1.85 -8.66 15.55
N LEU B 106 0.57 -8.53 15.86
CA LEU B 106 -0.32 -9.70 15.94
C LEU B 106 -0.43 -10.46 14.62
N ALA B 107 -0.67 -9.73 13.54
CA ALA B 107 -0.81 -10.29 12.21
C ALA B 107 0.40 -11.06 11.70
N THR B 108 1.59 -10.61 12.10
CA THR B 108 2.87 -11.07 11.53
C THR B 108 3.74 -11.86 12.52
N TYR B 109 3.12 -12.26 13.63
CA TYR B 109 3.79 -13.09 14.67
C TYR B 109 4.99 -12.43 15.34
N THR B 110 4.98 -11.11 15.47
CA THR B 110 6.12 -10.36 15.97
C THR B 110 5.81 -9.60 17.29
N ALA B 111 4.75 -10.01 17.98
CA ALA B 111 4.33 -9.35 19.23
C ALA B 111 5.31 -9.57 20.38
N GLY B 112 6.10 -10.63 20.28
CA GLY B 112 7.12 -10.93 21.29
C GLY B 112 6.96 -12.27 21.95
N GLY B 113 6.53 -13.25 21.15
CA GLY B 113 6.46 -14.63 21.60
C GLY B 113 5.14 -15.12 22.13
N LEU B 114 4.04 -14.59 21.59
CA LEU B 114 2.74 -15.23 21.77
C LEU B 114 2.83 -16.70 21.31
N PRO B 115 2.18 -17.62 22.05
CA PRO B 115 2.43 -19.05 21.82
C PRO B 115 1.84 -19.67 20.56
N LEU B 116 2.51 -20.71 20.07
CA LEU B 116 2.06 -21.47 18.91
C LEU B 116 0.56 -21.78 18.95
N GLN B 117 0.07 -22.26 20.11
CA GLN B 117 -1.34 -22.56 20.28
CA GLN B 117 -1.35 -22.52 20.27
C GLN B 117 -1.88 -21.86 21.53
N VAL B 118 -3.14 -21.47 21.49
CA VAL B 118 -3.84 -21.07 22.68
C VAL B 118 -4.03 -22.37 23.45
N PRO B 119 -3.70 -22.39 24.76
CA PRO B 119 -3.94 -23.57 25.60
C PRO B 119 -5.37 -24.07 25.45
N ASP B 120 -5.55 -25.40 25.40
CA ASP B 120 -6.84 -26.00 25.04
C ASP B 120 -7.93 -25.75 26.08
N GLU B 121 -7.52 -25.47 27.32
CA GLU B 121 -8.46 -25.17 28.40
C GLU B 121 -9.10 -23.80 28.22
N VAL B 122 -8.48 -22.91 27.44
CA VAL B 122 -9.07 -21.60 27.12
C VAL B 122 -10.22 -21.79 26.14
N LYS B 123 -11.41 -21.41 26.58
CA LYS B 123 -12.61 -21.58 25.77
C LYS B 123 -13.40 -20.27 25.62
N SER B 124 -13.90 -19.77 26.75
CA SER B 124 -14.79 -18.62 26.80
C SER B 124 -14.07 -17.30 26.54
N SER B 125 -14.84 -16.27 26.23
CA SER B 125 -14.29 -14.92 26.07
C SER B 125 -13.54 -14.48 27.30
N SER B 126 -14.10 -14.84 28.45
CA SER B 126 -13.50 -14.55 29.74
C SER B 126 -12.14 -15.26 29.92
N ASP B 127 -12.07 -16.53 29.52
CA ASP B 127 -10.79 -17.30 29.53
C ASP B 127 -9.76 -16.62 28.62
N LEU B 128 -10.23 -16.16 27.46
CA LEU B 128 -9.36 -15.58 26.44
C LEU B 128 -8.75 -14.28 26.93
N LEU B 129 -9.56 -13.39 27.50
CA LEU B 129 -9.05 -12.16 28.11
C LEU B 129 -7.99 -12.44 29.16
N ARG B 130 -8.32 -13.38 30.04
CA ARG B 130 -7.44 -13.78 31.12
CA ARG B 130 -7.43 -13.76 31.12
C ARG B 130 -6.09 -14.26 30.58
N PHE B 131 -6.15 -15.15 29.60
CA PHE B 131 -4.95 -15.67 28.93
C PHE B 131 -4.05 -14.54 28.41
N TYR B 132 -4.60 -13.63 27.60
CA TYR B 132 -3.80 -12.48 27.09
C TYR B 132 -3.38 -11.46 28.16
N GLN B 133 -4.23 -11.18 29.15
CA GLN B 133 -3.83 -10.29 30.26
C GLN B 133 -2.67 -10.83 31.08
N ASN B 134 -2.55 -12.15 31.15
CA ASN B 134 -1.49 -12.82 31.94
C ASN B 134 -0.25 -13.18 31.12
N TRP B 135 -0.33 -13.09 29.79
CA TRP B 135 0.79 -13.46 28.93
C TRP B 135 1.96 -12.50 29.13
N GLN B 136 3.16 -13.04 29.29
CA GLN B 136 4.36 -12.26 29.45
C GLN B 136 5.29 -12.55 28.27
N PRO B 137 5.72 -11.49 27.58
CA PRO B 137 6.51 -11.69 26.37
C PRO B 137 7.92 -12.27 26.60
N ALA B 138 8.35 -13.09 25.65
CA ALA B 138 9.76 -13.56 25.59
C ALA B 138 10.71 -12.50 25.06
N TRP B 139 10.18 -11.57 24.23
CA TRP B 139 10.98 -10.51 23.58
C TRP B 139 10.17 -9.21 23.44
N ALA B 140 10.85 -8.11 23.13
CA ALA B 140 10.18 -6.83 22.86
C ALA B 140 9.40 -6.92 21.55
N PRO B 141 8.37 -6.06 21.39
CA PRO B 141 7.60 -6.10 20.14
C PRO B 141 8.45 -5.77 18.92
N GLY B 142 8.20 -6.44 17.81
CA GLY B 142 8.84 -6.14 16.53
C GLY B 142 10.31 -6.53 16.46
N THR B 143 10.69 -7.55 17.22
CA THR B 143 12.09 -8.04 17.23
C THR B 143 12.26 -9.47 16.75
N GLN B 144 11.34 -10.35 17.08
CA GLN B 144 11.41 -11.77 16.72
C GLN B 144 10.10 -12.25 16.14
N ARG B 145 10.19 -13.07 15.12
CA ARG B 145 9.06 -13.75 14.56
C ARG B 145 8.94 -15.14 15.19
N LEU B 146 7.80 -15.41 15.80
CA LEU B 146 7.51 -16.75 16.31
C LEU B 146 6.14 -17.14 15.83
N TYR B 147 6.08 -18.04 14.85
CA TYR B 147 4.84 -18.48 14.24
C TYR B 147 3.86 -18.95 15.31
N ALA B 148 2.63 -18.43 15.26
CA ALA B 148 1.70 -18.56 16.37
C ALA B 148 0.23 -18.37 15.97
N ASN B 149 -0.58 -19.38 16.28
CA ASN B 149 -2.03 -19.32 16.12
C ASN B 149 -2.63 -18.25 17.03
N SER B 150 -2.04 -18.06 18.20
CA SER B 150 -2.54 -17.12 19.20
C SER B 150 -2.27 -15.67 18.81
N SER B 151 -1.36 -15.46 17.85
CA SER B 151 -1.04 -14.12 17.35
C SER B 151 -2.00 -13.67 16.24
N ILE B 152 -1.96 -14.34 15.10
CA ILE B 152 -2.80 -14.00 13.96
C ILE B 152 -4.29 -14.32 14.24
N GLY B 153 -4.54 -15.28 15.13
CA GLY B 153 -5.89 -15.57 15.58
C GLY B 153 -6.52 -14.37 16.26
N LEU B 154 -5.78 -13.73 17.17
CA LEU B 154 -6.27 -12.51 17.81
C LEU B 154 -6.40 -11.36 16.80
N PHE B 155 -5.41 -11.20 15.91
CA PHE B 155 -5.55 -10.20 14.85
C PHE B 155 -6.89 -10.32 14.14
N GLY B 156 -7.22 -11.54 13.72
CA GLY B 156 -8.44 -11.83 12.98
C GLY B 156 -9.67 -11.40 13.76
N ALA B 157 -9.69 -11.76 15.03
CA ALA B 157 -10.82 -11.45 15.92
C ALA B 157 -11.01 -9.95 16.13
N LEU B 158 -9.89 -9.22 16.34
CA LEU B 158 -9.95 -7.78 16.50
C LEU B 158 -10.25 -7.04 15.21
N ALA B 159 -9.76 -7.55 14.08
CA ALA B 159 -9.89 -6.87 12.78
C ALA B 159 -11.36 -6.67 12.35
N VAL B 160 -12.23 -7.60 12.75
CA VAL B 160 -13.64 -7.55 12.36
C VAL B 160 -14.50 -6.77 13.37
N LYS B 161 -13.91 -6.38 14.50
CA LYS B 161 -14.66 -5.67 15.56
C LYS B 161 -15.37 -4.40 15.10
N PRO B 162 -14.64 -3.47 14.42
CA PRO B 162 -15.35 -2.26 13.93
C PRO B 162 -16.56 -2.53 13.03
N SER B 163 -16.54 -3.60 12.23
CA SER B 163 -17.66 -3.97 11.37
C SER B 163 -18.91 -4.44 12.14
N GLY B 164 -18.75 -4.86 13.39
CA GLY B 164 -19.84 -5.46 14.16
C GLY B 164 -20.21 -6.88 13.75
N LEU B 165 -19.64 -7.38 12.66
CA LEU B 165 -19.96 -8.72 12.19
C LEU B 165 -19.14 -9.75 12.99
N SER B 166 -19.69 -10.95 13.14
CA SER B 166 -18.92 -12.08 13.62
C SER B 166 -17.79 -12.32 12.64
N PHE B 167 -16.75 -13.01 13.08
CA PHE B 167 -15.65 -13.32 12.19
C PHE B 167 -16.16 -14.12 11.02
N GLU B 168 -17.01 -15.12 11.28
CA GLU B 168 -17.53 -15.96 10.21
C GLU B 168 -18.35 -15.18 9.17
N GLN B 169 -19.24 -14.30 9.62
CA GLN B 169 -20.07 -13.52 8.69
C GLN B 169 -19.25 -12.52 7.90
N ALA B 170 -18.25 -11.90 8.54
CA ALA B 170 -17.33 -11.00 7.83
C ALA B 170 -16.61 -11.74 6.69
N MET B 171 -16.08 -12.92 6.99
CA MET B 171 -15.36 -13.72 6.00
C MET B 171 -16.26 -14.17 4.87
N GLN B 172 -17.44 -14.72 5.19
CA GLN B 172 -18.41 -15.14 4.18
C GLN B 172 -18.77 -14.01 3.23
N THR B 173 -19.17 -12.88 3.78
CA THR B 173 -19.76 -11.80 3.01
C THR B 173 -18.69 -10.93 2.33
N ARG B 174 -17.48 -10.88 2.89
CA ARG B 174 -16.48 -9.95 2.37
C ARG B 174 -15.40 -10.65 1.56
N VAL B 175 -15.26 -11.97 1.76
CA VAL B 175 -14.22 -12.75 1.06
C VAL B 175 -14.76 -13.92 0.23
N PHE B 176 -15.46 -14.87 0.87
CA PHE B 176 -15.90 -16.10 0.20
C PHE B 176 -16.89 -15.77 -0.93
N GLN B 177 -17.94 -15.04 -0.59
CA GLN B 177 -19.00 -14.70 -1.56
C GLN B 177 -18.56 -13.88 -2.78
N PRO B 178 -17.86 -12.75 -2.58
CA PRO B 178 -17.43 -12.00 -3.75
C PRO B 178 -16.54 -12.80 -4.72
N LEU B 179 -15.76 -13.74 -4.20
CA LEU B 179 -14.89 -14.57 -5.01
C LEU B 179 -15.58 -15.84 -5.49
N LYS B 180 -16.88 -15.98 -5.16
CA LYS B 180 -17.68 -17.13 -5.52
C LYS B 180 -17.08 -18.44 -5.03
N LEU B 181 -16.60 -18.44 -3.79
CA LEU B 181 -16.15 -19.67 -3.15
C LEU B 181 -17.40 -20.23 -2.47
N ASN B 182 -18.17 -20.99 -3.24
CA ASN B 182 -19.52 -21.43 -2.88
C ASN B 182 -19.55 -22.77 -2.15
N HIS B 183 -18.37 -23.35 -1.93
CA HIS B 183 -18.22 -24.60 -1.14
C HIS B 183 -17.09 -24.50 -0.12
N THR B 184 -16.97 -23.31 0.45
CA THR B 184 -15.95 -22.97 1.44
C THR B 184 -16.67 -22.51 2.71
N TRP B 185 -16.31 -23.12 3.83
CA TRP B 185 -17.00 -22.93 5.10
C TRP B 185 -16.06 -22.94 6.28
N ILE B 186 -16.32 -22.05 7.24
CA ILE B 186 -15.70 -22.12 8.56
C ILE B 186 -16.43 -23.16 9.42
N ASN B 187 -17.76 -23.13 9.36
CA ASN B 187 -18.62 -24.17 9.91
C ASN B 187 -19.36 -24.88 8.78
N VAL B 188 -19.08 -26.17 8.61
CA VAL B 188 -19.68 -26.96 7.52
C VAL B 188 -21.18 -27.19 7.77
N PRO B 189 -22.04 -26.74 6.87
CA PRO B 189 -23.48 -26.90 7.15
C PRO B 189 -23.90 -28.33 6.81
N PRO B 190 -25.06 -28.79 7.33
CA PRO B 190 -25.53 -30.16 7.06
C PRO B 190 -25.57 -30.58 5.59
N ALA B 191 -25.95 -29.68 4.69
CA ALA B 191 -25.98 -29.99 3.26
C ALA B 191 -24.61 -30.42 2.70
N GLU B 192 -23.53 -29.95 3.32
CA GLU B 192 -22.19 -30.25 2.85
C GLU B 192 -21.50 -31.37 3.61
N GLU B 193 -22.14 -31.92 4.64
CA GLU B 193 -21.51 -32.97 5.44
C GLU B 193 -21.10 -34.19 4.60
N LYS B 194 -21.92 -34.55 3.63
CA LYS B 194 -21.64 -35.69 2.74
C LYS B 194 -20.40 -35.49 1.84
N ASN B 195 -19.92 -34.25 1.75
CA ASN B 195 -18.70 -33.90 1.01
C ASN B 195 -17.50 -33.61 1.90
N TYR B 196 -17.72 -33.53 3.21
CA TYR B 196 -16.66 -33.19 4.14
C TYR B 196 -15.81 -34.44 4.38
N ALA B 197 -14.60 -34.43 3.79
CA ALA B 197 -13.70 -35.57 3.90
C ALA B 197 -13.37 -35.80 5.36
N TRP B 198 -13.06 -37.05 5.71
CA TRP B 198 -12.45 -37.36 6.99
C TRP B 198 -10.94 -37.21 6.89
N GLY B 199 -10.32 -36.72 7.94
CA GLY B 199 -8.88 -36.71 8.07
C GLY B 199 -8.45 -38.03 8.68
N TYR B 200 -7.23 -38.45 8.43
CA TYR B 200 -6.74 -39.71 8.99
C TYR B 200 -5.46 -39.52 9.74
N ARG B 201 -5.52 -39.89 11.02
CA ARG B 201 -4.41 -39.79 11.92
C ARG B 201 -4.23 -41.15 12.58
N GLU B 202 -3.23 -41.88 12.11
CA GLU B 202 -2.95 -43.27 12.53
C GLU B 202 -4.17 -44.16 12.31
N GLY B 203 -4.64 -44.18 11.07
CA GLY B 203 -5.76 -45.04 10.68
C GLY B 203 -7.13 -44.59 11.15
N LYS B 204 -7.18 -43.62 12.05
CA LYS B 204 -8.44 -43.18 12.66
C LYS B 204 -9.01 -41.95 11.94
N ALA B 205 -10.29 -42.03 11.53
CA ALA B 205 -11.00 -40.91 10.93
C ALA B 205 -11.19 -39.78 11.96
N VAL B 206 -10.67 -38.59 11.64
CA VAL B 206 -10.72 -37.45 12.56
C VAL B 206 -11.12 -36.15 11.86
N HIS B 207 -11.77 -35.28 12.64
CA HIS B 207 -12.07 -33.91 12.24
C HIS B 207 -11.51 -32.99 13.31
N VAL B 208 -11.14 -31.77 12.91
CA VAL B 208 -10.60 -30.79 13.85
C VAL B 208 -11.63 -30.49 14.95
N SER B 209 -11.18 -30.43 16.20
CA SER B 209 -12.03 -30.06 17.34
C SER B 209 -12.18 -28.54 17.48
N PRO B 210 -13.30 -28.08 18.09
CA PRO B 210 -13.40 -26.68 18.52
C PRO B 210 -12.27 -26.22 19.43
N GLY B 211 -11.91 -24.94 19.29
CA GLY B 211 -10.81 -24.36 20.05
C GLY B 211 -10.91 -22.84 19.99
N ALA B 212 -10.29 -22.17 20.95
CA ALA B 212 -10.29 -20.72 20.98
C ALA B 212 -9.60 -20.21 19.72
N LEU B 213 -10.25 -19.27 19.03
CA LEU B 213 -9.69 -18.62 17.84
C LEU B 213 -9.41 -19.60 16.71
N ASP B 214 -10.20 -20.68 16.68
CA ASP B 214 -10.02 -21.71 15.66
C ASP B 214 -10.37 -21.18 14.27
N ALA B 215 -11.48 -20.44 14.16
CA ALA B 215 -11.95 -19.92 12.89
C ALA B 215 -10.86 -19.06 12.25
N GLU B 216 -10.29 -18.21 13.09
CA GLU B 216 -9.33 -17.19 12.70
C GLU B 216 -7.95 -17.75 12.33
N ALA B 217 -7.52 -18.82 12.99
CA ALA B 217 -6.19 -19.39 12.80
C ALA B 217 -6.14 -20.65 11.94
N TYR B 218 -7.16 -21.49 12.00
CA TYR B 218 -7.12 -22.79 11.30
C TYR B 218 -8.46 -23.42 10.90
N GLY B 219 -9.52 -22.62 10.84
CA GLY B 219 -10.89 -23.18 10.71
C GLY B 219 -11.60 -23.29 9.36
N VAL B 220 -10.94 -22.94 8.25
CA VAL B 220 -11.57 -23.01 6.94
C VAL B 220 -11.51 -24.44 6.36
N LYS B 221 -12.65 -24.88 5.82
CA LYS B 221 -12.74 -26.10 5.03
C LYS B 221 -13.14 -25.67 3.63
N SER B 222 -12.52 -26.29 2.63
CA SER B 222 -12.71 -25.87 1.23
C SER B 222 -12.47 -27.03 0.24
N THR B 223 -12.95 -26.83 -0.97
CA THR B 223 -12.81 -27.79 -2.07
C THR B 223 -11.66 -27.39 -3.00
N ILE B 224 -11.29 -28.30 -3.90
CA ILE B 224 -10.14 -28.06 -4.77
C ILE B 224 -10.48 -26.98 -5.81
N GLU B 225 -11.74 -26.93 -6.23
CA GLU B 225 -12.19 -25.90 -7.16
C GLU B 225 -12.14 -24.53 -6.50
N ASP B 226 -12.69 -24.43 -5.29
CA ASP B 226 -12.69 -23.17 -4.56
C ASP B 226 -11.27 -22.70 -4.28
N MET B 227 -10.38 -23.61 -3.88
CA MET B 227 -9.00 -23.24 -3.62
C MET B 227 -8.26 -22.78 -4.89
N ALA B 228 -8.56 -23.40 -6.03
CA ALA B 228 -8.01 -22.95 -7.31
C ALA B 228 -8.44 -21.51 -7.59
N ARG B 229 -9.71 -21.21 -7.34
CA ARG B 229 -10.24 -19.87 -7.50
C ARG B 229 -9.58 -18.90 -6.51
N TRP B 230 -9.34 -19.36 -5.28
CA TRP B 230 -8.58 -18.60 -4.28
C TRP B 230 -7.17 -18.24 -4.79
N VAL B 231 -6.51 -19.20 -5.42
CA VAL B 231 -5.17 -18.94 -5.97
C VAL B 231 -5.27 -17.96 -7.15
N GLN B 232 -6.23 -18.17 -8.03
CA GLN B 232 -6.45 -17.25 -9.14
C GLN B 232 -6.65 -15.83 -8.66
N SER B 233 -7.43 -15.68 -7.60
CA SER B 233 -7.73 -14.38 -7.02
C SER B 233 -6.50 -13.68 -6.45
N ASN B 234 -5.62 -14.46 -5.84
CA ASN B 234 -4.41 -13.92 -5.25
C ASN B 234 -3.29 -13.72 -6.29
N LEU B 235 -3.31 -14.51 -7.36
CA LEU B 235 -2.42 -14.32 -8.51
C LEU B 235 -2.69 -13.00 -9.23
N LYS B 236 -3.98 -12.70 -9.43
CA LYS B 236 -4.42 -11.56 -10.22
C LYS B 236 -5.53 -10.78 -9.49
N PRO B 237 -5.17 -10.01 -8.45
CA PRO B 237 -6.18 -9.25 -7.69
C PRO B 237 -6.84 -8.09 -8.47
N LEU B 238 -6.17 -7.57 -9.50
CA LEU B 238 -6.74 -6.48 -10.31
C LEU B 238 -7.97 -6.93 -11.09
N ASP B 239 -8.18 -8.25 -11.21
CA ASP B 239 -9.38 -8.78 -11.84
C ASP B 239 -10.59 -8.80 -10.90
N ILE B 240 -10.36 -8.60 -9.60
CA ILE B 240 -11.44 -8.56 -8.60
C ILE B 240 -12.20 -7.21 -8.61
N ASN B 241 -13.51 -7.28 -8.85
CA ASN B 241 -14.35 -6.08 -8.99
C ASN B 241 -14.55 -5.34 -7.69
N GLU B 242 -14.57 -6.07 -6.57
CA GLU B 242 -14.70 -5.48 -5.24
C GLU B 242 -13.41 -4.76 -4.84
N LYS B 243 -13.52 -3.43 -4.78
CA LYS B 243 -12.39 -2.51 -4.59
C LYS B 243 -11.58 -2.83 -3.34
N THR B 244 -12.23 -2.84 -2.19
CA THR B 244 -11.52 -3.07 -0.94
C THR B 244 -10.92 -4.50 -0.85
N LEU B 245 -11.53 -5.48 -1.49
CA LEU B 245 -11.00 -6.85 -1.47
C LEU B 245 -9.77 -6.96 -2.36
N GLN B 246 -9.83 -6.41 -3.57
CA GLN B 246 -8.65 -6.31 -4.42
C GLN B 246 -7.48 -5.66 -3.65
N GLN B 247 -7.74 -4.56 -2.94
CA GLN B 247 -6.71 -3.89 -2.13
C GLN B 247 -6.24 -4.76 -0.97
N GLY B 248 -7.17 -5.44 -0.31
CA GLY B 248 -6.82 -6.33 0.81
C GLY B 248 -5.89 -7.47 0.40
N ILE B 249 -6.16 -8.06 -0.75
CA ILE B 249 -5.27 -9.09 -1.35
C ILE B 249 -3.85 -8.56 -1.61
N GLN B 250 -3.77 -7.36 -2.17
CA GLN B 250 -2.51 -6.66 -2.34
C GLN B 250 -1.82 -6.40 -1.02
N LEU B 251 -2.53 -5.96 0.01
CA LEU B 251 -1.91 -5.70 1.33
C LEU B 251 -1.39 -7.00 2.00
N ALA B 252 -2.07 -8.12 1.76
CA ALA B 252 -1.71 -9.40 2.36
C ALA B 252 -0.38 -9.95 1.77
N GLN B 253 -0.05 -9.52 0.56
CA GLN B 253 1.24 -9.89 -0.09
C GLN B 253 2.30 -8.81 0.00
N SER B 254 2.03 -7.74 0.73
CA SER B 254 3.06 -6.75 1.02
C SER B 254 4.10 -7.40 1.96
N ARG B 255 5.35 -6.95 1.86
CA ARG B 255 6.46 -7.53 2.64
C ARG B 255 6.72 -6.64 3.85
N TYR B 256 6.38 -7.12 5.05
CA TYR B 256 6.46 -6.32 6.28
C TYR B 256 7.73 -6.54 7.10
N TRP B 257 8.23 -7.78 7.03
CA TRP B 257 9.40 -8.24 7.74
C TRP B 257 10.20 -9.20 6.88
N GLN B 258 11.49 -9.24 7.12
CA GLN B 258 12.35 -10.19 6.47
C GLN B 258 13.13 -10.97 7.53
N THR B 259 13.14 -12.29 7.34
CA THR B 259 14.06 -13.18 8.04
C THR B 259 14.65 -14.14 7.01
N GLY B 260 15.97 -14.12 6.90
CA GLY B 260 16.63 -14.93 5.89
C GLY B 260 16.20 -14.49 4.50
N ASP B 261 15.84 -15.46 3.68
CA ASP B 261 15.36 -15.18 2.34
C ASP B 261 13.81 -15.11 2.27
N MET B 262 13.14 -15.08 3.43
CA MET B 262 11.67 -15.03 3.48
C MET B 262 11.14 -13.67 3.95
N TYR B 263 9.98 -13.32 3.43
CA TYR B 263 9.27 -12.13 3.82
C TYR B 263 7.90 -12.51 4.36
N GLN B 264 7.51 -11.85 5.45
CA GLN B 264 6.21 -12.08 6.07
C GLN B 264 5.16 -11.11 5.51
N GLY B 265 4.09 -11.66 4.96
CA GLY B 265 2.91 -10.87 4.56
C GLY B 265 1.86 -10.97 5.65
N LEU B 266 0.60 -10.77 5.29
CA LEU B 266 -0.52 -11.04 6.20
C LEU B 266 -1.03 -12.43 5.87
N GLY B 267 -0.65 -13.44 6.65
CA GLY B 267 -0.98 -14.85 6.32
C GLY B 267 -0.03 -15.47 5.30
N TRP B 268 0.00 -14.93 4.09
CA TRP B 268 0.98 -15.32 3.08
C TRP B 268 2.43 -15.07 3.54
N GLU B 269 3.31 -15.96 3.11
CA GLU B 269 4.75 -15.78 3.17
C GLU B 269 5.29 -15.76 1.72
N MET B 270 6.37 -15.02 1.50
CA MET B 270 6.88 -14.75 0.16
C MET B 270 8.41 -14.82 0.09
N LEU B 271 8.92 -15.33 -1.02
CA LEU B 271 10.33 -15.28 -1.34
C LEU B 271 10.47 -14.73 -2.74
N ASP B 272 11.62 -14.15 -3.06
CA ASP B 272 11.89 -13.70 -4.42
C ASP B 272 12.00 -14.88 -5.38
N TRP B 273 11.37 -14.74 -6.55
CA TRP B 273 11.50 -15.71 -7.61
C TRP B 273 12.65 -15.27 -8.56
N PRO B 274 13.56 -16.21 -8.90
CA PRO B 274 13.59 -17.63 -8.60
C PRO B 274 14.07 -17.91 -7.18
N VAL B 275 13.51 -18.95 -6.58
CA VAL B 275 13.88 -19.38 -5.23
C VAL B 275 14.91 -20.49 -5.29
N ASN B 276 15.65 -20.69 -4.21
CA ASN B 276 16.39 -21.92 -4.03
C ASN B 276 15.44 -22.93 -3.44
N PRO B 277 15.17 -24.03 -4.16
CA PRO B 277 14.20 -25.01 -3.66
C PRO B 277 14.60 -25.61 -2.32
N ASP B 278 15.88 -25.88 -2.13
CA ASP B 278 16.34 -26.45 -0.85
C ASP B 278 16.00 -25.51 0.31
N SER B 279 15.96 -24.21 0.04
CA SER B 279 15.62 -23.22 1.08
C SER B 279 14.15 -23.33 1.53
N ILE B 280 13.23 -23.33 0.58
CA ILE B 280 11.79 -23.45 0.91
C ILE B 280 11.45 -24.85 1.40
N ILE B 281 12.08 -25.87 0.83
CA ILE B 281 11.83 -27.25 1.23
C ILE B 281 12.31 -27.49 2.66
N ASN B 282 13.59 -27.22 2.91
CA ASN B 282 14.16 -27.37 4.26
C ASN B 282 13.53 -26.39 5.23
N GLY B 283 13.28 -25.17 4.78
CA GLY B 283 12.68 -24.14 5.59
C GLY B 283 11.26 -24.43 6.06
N SER B 284 10.55 -25.31 5.34
CA SER B 284 9.18 -25.68 5.70
C SER B 284 9.12 -26.71 6.84
N ASP B 285 10.24 -27.35 7.15
CA ASP B 285 10.30 -28.25 8.31
C ASP B 285 10.01 -27.46 9.57
N ASN B 286 9.14 -28.00 10.42
CA ASN B 286 8.77 -27.33 11.67
C ASN B 286 9.90 -27.00 12.63
N LYS B 287 11.03 -27.70 12.60
CA LYS B 287 12.15 -27.31 13.48
C LYS B 287 12.68 -25.92 13.13
N ILE B 288 12.45 -25.50 11.88
CA ILE B 288 12.77 -24.16 11.43
C ILE B 288 11.52 -23.27 11.41
N ALA B 289 10.47 -23.77 10.76
CA ALA B 289 9.25 -22.96 10.51
C ALA B 289 8.57 -22.51 11.81
N LEU B 290 8.73 -23.28 12.90
CA LEU B 290 8.13 -22.93 14.18
C LEU B 290 9.12 -22.28 15.16
N ALA B 291 10.38 -22.11 14.74
CA ALA B 291 11.41 -21.50 15.58
C ALA B 291 11.38 -19.97 15.53
N ALA B 292 11.74 -19.33 16.64
CA ALA B 292 11.91 -17.88 16.68
C ALA B 292 13.08 -17.47 15.78
N ARG B 293 12.87 -16.42 14.98
CA ARG B 293 13.91 -15.83 14.16
C ARG B 293 13.86 -14.30 14.25
N PRO B 294 15.03 -13.64 14.29
CA PRO B 294 15.02 -12.19 14.32
C PRO B 294 14.51 -11.64 12.99
N VAL B 295 13.73 -10.57 13.06
CA VAL B 295 13.19 -9.94 11.86
C VAL B 295 13.80 -8.58 11.63
N LYS B 296 13.97 -8.25 10.36
CA LYS B 296 14.28 -6.89 9.94
C LYS B 296 12.99 -6.26 9.44
N ALA B 297 12.63 -5.14 10.04
CA ALA B 297 11.49 -4.32 9.62
C ALA B 297 11.72 -3.84 8.19
N ILE B 298 10.69 -3.94 7.36
CA ILE B 298 10.74 -3.37 6.01
C ILE B 298 9.90 -2.11 6.09
N THR B 299 10.59 -0.96 6.11
CA THR B 299 10.02 0.34 6.50
C THR B 299 10.12 1.33 5.37
N PRO B 300 9.02 1.53 4.61
CA PRO B 300 7.71 0.95 4.71
C PRO B 300 7.63 -0.36 3.94
N PRO B 301 6.54 -1.10 4.13
CA PRO B 301 6.43 -2.38 3.46
C PRO B 301 6.50 -2.32 1.96
N THR B 302 7.18 -3.28 1.36
CA THR B 302 7.25 -3.36 -0.08
C THR B 302 5.90 -3.84 -0.56
N PRO B 303 5.31 -3.13 -1.56
CA PRO B 303 4.07 -3.62 -2.12
C PRO B 303 4.30 -4.95 -2.78
N ALA B 304 3.23 -5.74 -2.93
CA ALA B 304 3.32 -7.08 -3.52
C ALA B 304 4.22 -7.15 -4.75
N VAL B 305 5.26 -7.96 -4.61
CA VAL B 305 6.21 -8.22 -5.66
C VAL B 305 5.71 -9.34 -6.57
N ARG B 306 5.50 -9.03 -7.84
CA ARG B 306 5.01 -10.03 -8.77
C ARG B 306 5.97 -11.20 -8.96
N ALA B 307 7.27 -10.91 -9.01
CA ALA B 307 8.28 -11.95 -9.15
C ALA B 307 8.57 -12.59 -7.78
N SER B 308 7.56 -13.27 -7.25
CA SER B 308 7.62 -13.92 -5.93
C SER B 308 7.14 -15.35 -5.98
N TRP B 309 7.73 -16.19 -5.12
CA TRP B 309 7.15 -17.46 -4.74
C TRP B 309 6.28 -17.13 -3.50
N VAL B 310 4.96 -17.20 -3.64
CA VAL B 310 4.04 -16.87 -2.57
C VAL B 310 3.42 -18.16 -2.07
N HIS B 311 3.42 -18.38 -0.76
CA HIS B 311 2.98 -19.68 -0.25
C HIS B 311 2.58 -19.76 1.20
N LYS B 312 1.99 -20.89 1.53
CA LYS B 312 1.59 -21.24 2.89
C LYS B 312 1.32 -22.76 3.02
N THR B 313 1.99 -23.37 3.98
CA THR B 313 1.65 -24.70 4.46
C THR B 313 0.53 -24.62 5.51
N GLY B 314 -0.22 -25.70 5.66
CA GLY B 314 -1.15 -25.78 6.77
C GLY B 314 -1.57 -27.21 7.02
N ALA B 315 -1.79 -27.53 8.29
CA ALA B 315 -2.22 -28.87 8.71
C ALA B 315 -3.30 -28.77 9.79
N THR B 316 -4.08 -29.83 9.90
CA THR B 316 -4.75 -30.18 11.15
C THR B 316 -4.28 -31.59 11.54
N GLY B 317 -4.89 -32.18 12.58
CA GLY B 317 -4.52 -33.54 13.00
C GLY B 317 -4.66 -34.56 11.90
N GLY B 318 -5.69 -34.42 11.08
CA GLY B 318 -5.96 -35.34 10.01
C GLY B 318 -5.69 -34.87 8.59
N PHE B 319 -5.14 -33.66 8.40
CA PHE B 319 -5.01 -33.11 7.04
C PHE B 319 -3.69 -32.39 6.85
N GLY B 320 -3.27 -32.30 5.59
CA GLY B 320 -2.10 -31.53 5.19
C GLY B 320 -2.36 -30.84 3.86
N SER B 321 -2.13 -29.54 3.86
CA SER B 321 -2.39 -28.71 2.70
CA SER B 321 -2.39 -28.72 2.68
C SER B 321 -1.19 -27.86 2.36
N TYR B 322 -1.10 -27.44 1.10
CA TYR B 322 -0.06 -26.52 0.66
C TYR B 322 -0.60 -25.75 -0.53
N VAL B 323 -0.32 -24.45 -0.53
CA VAL B 323 -0.62 -23.56 -1.64
C VAL B 323 0.63 -22.76 -1.96
N ALA B 324 0.96 -22.62 -3.24
CA ALA B 324 2.08 -21.80 -3.72
C ALA B 324 1.74 -21.22 -5.10
N PHE B 325 2.16 -19.99 -5.35
CA PHE B 325 1.95 -19.39 -6.68
C PHE B 325 3.00 -18.32 -6.99
N ILE B 326 3.17 -18.07 -8.29
CA ILE B 326 4.12 -17.07 -8.81
C ILE B 326 3.37 -16.06 -9.68
N PRO B 327 3.00 -14.90 -9.11
CA PRO B 327 2.15 -13.94 -9.84
C PRO B 327 2.62 -13.56 -11.26
N GLU B 328 3.92 -13.35 -11.40
CA GLU B 328 4.53 -12.98 -12.69
CA GLU B 328 4.51 -12.97 -12.69
C GLU B 328 4.31 -14.05 -13.76
N LYS B 329 4.23 -15.32 -13.35
CA LYS B 329 4.08 -16.46 -14.27
C LYS B 329 2.63 -16.94 -14.45
N GLU B 330 1.68 -16.35 -13.71
CA GLU B 330 0.28 -16.78 -13.73
CA GLU B 330 0.28 -16.79 -13.74
C GLU B 330 0.22 -18.29 -13.43
N LEU B 331 1.06 -18.70 -12.48
CA LEU B 331 1.32 -20.10 -12.21
C LEU B 331 1.05 -20.39 -10.75
N GLY B 332 0.33 -21.47 -10.47
CA GLY B 332 0.12 -21.87 -9.06
C GLY B 332 -0.28 -23.31 -8.86
N ILE B 333 -0.29 -23.72 -7.59
CA ILE B 333 -0.69 -25.07 -7.25
C ILE B 333 -1.36 -25.08 -5.87
N VAL B 334 -2.34 -25.97 -5.74
CA VAL B 334 -2.95 -26.31 -4.45
C VAL B 334 -2.92 -27.82 -4.29
N MET B 335 -2.49 -28.29 -3.13
CA MET B 335 -2.42 -29.72 -2.86
C MET B 335 -3.13 -29.92 -1.53
N LEU B 336 -4.27 -30.62 -1.58
CA LEU B 336 -5.07 -30.93 -0.40
C LEU B 336 -5.10 -32.44 -0.18
N ALA B 337 -4.75 -32.84 1.04
CA ALA B 337 -4.67 -34.23 1.43
C ALA B 337 -5.33 -34.46 2.80
N ASN B 338 -5.94 -35.62 2.97
CA ASN B 338 -6.57 -35.97 4.26
C ASN B 338 -5.70 -36.87 5.13
N LYS B 339 -4.41 -36.58 5.10
CA LYS B 339 -3.46 -37.02 6.09
C LYS B 339 -2.47 -35.87 6.28
N ASN B 340 -2.03 -35.69 7.52
CA ASN B 340 -0.98 -34.73 7.85
C ASN B 340 0.40 -35.37 7.62
N TYR B 341 1.00 -35.09 6.48
CA TYR B 341 2.30 -35.63 6.10
C TYR B 341 3.28 -34.46 6.06
N PRO B 342 4.60 -34.74 6.18
CA PRO B 342 5.58 -33.67 6.47
C PRO B 342 5.63 -32.54 5.45
N ASN B 343 5.78 -31.32 5.95
CA ASN B 343 5.84 -30.12 5.11
C ASN B 343 6.82 -30.23 3.94
N PRO B 344 8.06 -30.66 4.19
CA PRO B 344 9.04 -30.70 3.09
C PRO B 344 8.63 -31.54 1.88
N ALA B 345 7.89 -32.62 2.12
CA ALA B 345 7.40 -33.48 1.05
C ALA B 345 6.40 -32.71 0.17
N ARG B 346 5.62 -31.81 0.80
CA ARG B 346 4.64 -30.99 0.06
C ARG B 346 5.36 -30.00 -0.83
N VAL B 347 6.30 -29.28 -0.25
CA VAL B 347 7.00 -28.20 -0.93
C VAL B 347 7.88 -28.78 -2.05
N ASP B 348 8.51 -29.92 -1.78
CA ASP B 348 9.31 -30.57 -2.80
C ASP B 348 8.47 -30.88 -4.05
N ALA B 349 7.34 -31.54 -3.84
CA ALA B 349 6.42 -31.88 -4.92
C ALA B 349 5.91 -30.65 -5.67
N ALA B 350 5.55 -29.60 -4.92
CA ALA B 350 5.05 -28.37 -5.53
C ALA B 350 6.11 -27.73 -6.40
N TRP B 351 7.35 -27.70 -5.90
CA TRP B 351 8.49 -27.14 -6.62
C TRP B 351 8.75 -27.88 -7.94
N GLN B 352 8.76 -29.22 -7.88
CA GLN B 352 8.98 -30.03 -9.06
C GLN B 352 7.98 -29.69 -10.17
N ILE B 353 6.71 -29.58 -9.77
CA ILE B 353 5.64 -29.27 -10.70
C ILE B 353 5.78 -27.86 -11.30
N LEU B 354 5.86 -26.86 -10.44
CA LEU B 354 5.86 -25.50 -10.93
C LEU B 354 7.17 -25.18 -11.64
N ASN B 355 8.28 -25.77 -11.21
CA ASN B 355 9.54 -25.50 -11.91
C ASN B 355 9.53 -26.12 -13.30
N ALA B 356 8.83 -27.24 -13.48
CA ALA B 356 8.65 -27.86 -14.80
C ALA B 356 7.81 -27.00 -15.75
N LEU B 357 6.85 -26.24 -15.20
CA LEU B 357 5.88 -25.49 -16.00
C LEU B 357 6.22 -24.02 -16.19
N GLN B 358 7.22 -23.55 -15.46
CA GLN B 358 7.59 -22.13 -15.48
C GLN B 358 8.37 -21.81 -16.77
P PO4 C . -2.70 22.20 -28.73
O1 PO4 C . -2.22 20.87 -28.18
O2 PO4 C . -1.74 23.26 -28.24
O3 PO4 C . -2.76 22.16 -30.23
O4 PO4 C . -4.09 22.48 -28.20
O11 DK2 D . 9.65 25.90 -3.10
C7 DK2 D . 9.59 27.18 -3.31
C5 DK2 D . 10.35 27.86 -4.37
C4 DK2 D . 10.03 29.20 -4.26
C3 DK2 D . 10.57 30.15 -5.12
C6 DK2 D . 11.21 27.41 -5.36
C1 DK2 D . 11.76 28.35 -6.22
C2 DK2 D . 11.44 29.70 -6.12
C23 DK2 D . 12.08 30.65 -7.10
O24 DK2 D . 13.24 30.34 -7.49
O25 DK2 D . 11.50 31.68 -7.50
N8 DK2 D . 8.83 28.01 -2.56
C9 DK2 D . 9.08 29.24 -3.11
O10 DK2 D . 8.55 30.33 -2.69
C12 DK2 D . 7.99 27.63 -1.39
C13 DK2 D . 7.07 26.49 -1.75
O14 DK2 D . 6.91 25.57 -0.92
O15 DK2 D . 6.54 26.50 -2.87
C16 DK2 D . 8.91 27.21 -0.22
C17 DK2 D . 9.80 28.39 0.11
C18 DK2 D . 11.07 28.50 -0.46
C19 DK2 D . 11.86 29.61 -0.16
C20 DK2 D . 11.38 30.61 0.69
O26 DK2 D . 12.15 31.69 0.97
C21 DK2 D . 10.08 30.51 1.24
C22 DK2 D . 9.31 29.40 0.95
O11 DK2 E . -1.77 -24.60 13.21
C7 DK2 E . -1.86 -25.88 13.28
C5 DK2 E . -3.05 -26.57 13.87
C4 DK2 E . -2.76 -27.91 13.75
C3 DK2 E . -3.65 -28.89 14.20
C6 DK2 E . -4.22 -26.12 14.46
C1 DK2 E . -5.13 -27.07 14.92
C2 DK2 E . -4.85 -28.44 14.79
C23 DK2 E . -5.86 -29.44 15.30
O24 DK2 E . -6.59 -29.14 16.28
O25 DK2 E . -5.95 -30.54 14.72
N8 DK2 E . -0.92 -26.73 12.83
C9 DK2 E . -1.43 -27.95 13.09
O10 DK2 E . -0.84 -29.05 12.80
C12 DK2 E . 0.37 -26.36 12.19
C13 DK2 E . 0.10 -25.44 11.02
O14 DK2 E . -0.88 -25.70 10.29
O15 DK2 E . 0.83 -24.44 10.87
C16 DK2 E . 1.24 -25.65 13.21
C17 DK2 E . 1.46 -26.58 14.39
C18 DK2 E . 2.39 -27.60 14.25
C19 DK2 E . 2.62 -28.49 15.30
C20 DK2 E . 1.92 -28.35 16.47
O26 DK2 E . 2.15 -29.22 17.50
C21 DK2 E . 1.00 -27.30 16.63
C22 DK2 E . 0.75 -26.41 15.58
#